data_8D7R
#
_entry.id   8D7R
#
_cell.length_a   1.00
_cell.length_b   1.00
_cell.length_c   1.00
_cell.angle_alpha   90.00
_cell.angle_beta   90.00
_cell.angle_gamma   90.00
#
_symmetry.space_group_name_H-M   'P 1'
#
loop_
_entity.id
_entity.type
_entity.pdbx_description
1 polymer 'Cardiotrophin-like cytokine factor 1'
2 polymer 'Ciliary neurotrophic factor receptor subunit alpha'
3 polymer 'Leukemia inhibitory factor receptor'
4 polymer 'Interleukin-6 receptor subunit beta'
5 branched 2-acetamido-2-deoxy-beta-D-glucopyranose-(1-4)-2-acetamido-2-deoxy-beta-D-glucopyranose
6 non-polymer 2-acetamido-2-deoxy-beta-D-glucopyranose
#
loop_
_entity_poly.entity_id
_entity_poly.type
_entity_poly.pdbx_seq_one_letter_code
_entity_poly.pdbx_strand_id
1 'polypeptide(L)'
;LNRTGDPGPGPSIQKTYDLTRYLEHQLRSLAGTYLNYLGPPFNEPDFNPPRLGAETLPRATVDLEVWRSLNDKLRLTQNY
EAYSHLLCYLRGLNRQAATAELRRSLAHFCTSLQGLLGSIAGVMAALGYPLPQPLPGTEPTWTPGPAHSDFLQKMDDFWL
LKELQTWLWRSAKDFNRLKKKMQPPAAAVTLHLGAHGFHHHHHH
;
D
2 'polypeptide(L)'
;QRHSPQEAPHVQYERLGSDVTLPCGTANWDAAVTWRVNGTDLAPDLLNGSQLVLHGLELGHSGLYACFHRDSWHLRHQVL
LHVGLPPREPVLSCRSNTYPKGFYCSWHLPTPTYIPNTFNVTVLHGSKIMVCEKDPALKNRCHIRYMHLFSTIKYKVSIS
VSNALGHNATAITFDEFTIVKPDPPENVVARPVPSNPRRLEVTWQTPSTWPDPESFPLKFFLRYRPLILDQWQHVELSDG
TAHTITDAYAGKEYIIQVAAKDNEIGTWSDWSVAAHATPWTEEPRHLTTEAQAAETTTSTTSSLAPPPTTKICDPGELGS
GGGP
;
C
3 'polypeptide(L)'
;QKKGAPHDLKCVTNNLQVWNCSWKAPSGTGRGTDYEVCIENRSRSCYQLEKTSIKIPALSHGDYEITINSLHDFGSSTSK
FTLNEQNVSLIPDTPEILNLSADFSTSTLYLKWNDRGSVFPHRSNVIWEIKVLRKESMELVKLVTHNTTLNGKDTLHHWS
WASDMPLECAIHFVEIRCYIDNLHFSGLEEWSDWSPVKNISWIPDSQTKVFPQDKVILVGSDITFCCVSQEKVLSALIGH
TNCPLIHLDGENVAIKIRNISVSASSGTNVVFTTEDNIFGTVIFAGYPPDTPQQLNCETHDLKEIICSWNPGRVTALVGP
RATSYTLVESFSGKYVRLKRAEAPTNESYQLLFQMLPNQEIYNFTLNAHNPLGRSQSTILVNITEKVYPHTPTSFKVKDI
NSTAVKLSWHLPGNFAKINFLCEIEIKKSNSVQEQRNVTIKGVENSSYLVALDKLNPYTLYTFRIRCSTETFWKWSKWSN
KKQHLTTEASPSKGPDTWREWSSDGKNLIIYWKPLPINEANGKILSYNVSCSSDEETQSLSEIPDPQHKAEIRLDKNDYI
ISVVAKNSVGSSPPSKIASMEIPNDDLKIEQVVGMGKGILLTWHYDPNMTCDYVIKWCNSSRSEPCLMDWRKVPSNSTET
VIESDEFRPGIRYNFFLYGCRNQGYQLLRSMIGYIEELAPIVAPNFTVEDTSADSILVKWEDIPVEELRGFLRGYLFYFG
KGERDTSKMRVLESGRSDIKVKNITDISQKTLRIADLQGKTSYHLVLRAYTDGGVGPEKSMYVVTKENSEQKLISEEDLG
GEQKLISEEDLHHHHHH
;
B
4 'polypeptide(L)'
;ELLDPCGYISPESPVVQLHSNFTAVCVLKEKCMDYFHVNANYIVWKTNHFTIPKEQYTIINRTASSVTFTDIASLNIQLT
CNILTFGQLEQNVYGITIISGLPPEKPKNLSCIVNEGKKMRCEWDGGRETHLETNFTLKSEWATHKFADCKAKRDTPTSC
TVDYSTVYFVNIEVWVEAENALGKVTSDHINFDPVYKVKPNPPHNLSVINSEELSSILKLTWTNPSIKSVIILKYNIQYR
TKDASTWSQIPPEDTASTRSSFTVQDLKPFTEYVFRIRCMKEDGKGYWSDWSEEASGITYEDRPSKAPSFWYKIDPSHTQ
GYRTVQLVWKTLPPFEANGKILDYEVTLTRWKSHLQNYTVNATKLTVNLTNDRYLATLTVRNLVGKSDAAVLTIPACDFQ
ATHPVMDLKAFPKDNMLWVEWTTPRESVKKYILEWCVLSDKAPCITDWQQEDGTVHRTYLRGNLAESKCYLITVTPVYAD
GPGSPESIKAYLKQAPPSKGPTVRTKKVGKNEAVLEWDQLPVDVQNGFIRNYTIFYRTIIGNETAVNVDSSHTEYTLSSL
TSDTLYMVRMAAYTDEGGKDGPEFTFTTPKFAQGEIEEQKLISEEDLGGEQKLISEEDLHHHHHH
;
A
#
# COMPACT_ATOMS: atom_id res chain seq x y z
N PRO A 7 2.82 -25.93 -25.19
CA PRO A 7 3.88 -25.66 -24.21
C PRO A 7 4.16 -26.84 -23.29
N GLY A 8 3.11 -27.59 -22.96
CA GLY A 8 3.24 -28.74 -22.10
C GLY A 8 3.21 -28.37 -20.62
N PRO A 9 3.64 -29.29 -19.77
CA PRO A 9 3.65 -29.01 -18.33
C PRO A 9 4.81 -28.16 -17.85
N GLY A 10 5.69 -27.70 -18.75
CA GLY A 10 6.83 -26.91 -18.38
C GLY A 10 6.46 -25.52 -17.90
N PRO A 11 5.97 -24.68 -18.82
CA PRO A 11 5.63 -23.29 -18.44
C PRO A 11 4.34 -23.20 -17.65
N SER A 12 3.44 -24.17 -17.83
CA SER A 12 2.15 -24.11 -17.16
C SER A 12 2.28 -24.22 -15.65
N ILE A 13 3.11 -25.15 -15.18
CA ILE A 13 3.29 -25.33 -13.74
C ILE A 13 3.99 -24.12 -13.14
N GLN A 14 4.95 -23.54 -13.87
CA GLN A 14 5.62 -22.33 -13.37
C GLN A 14 4.65 -21.16 -13.26
N LYS A 15 3.79 -20.99 -14.28
CA LYS A 15 2.79 -19.93 -14.20
C LYS A 15 1.82 -20.17 -13.06
N THR A 16 1.42 -21.42 -12.84
CA THR A 16 0.53 -21.75 -11.73
C THR A 16 1.18 -21.43 -10.40
N TYR A 17 2.47 -21.76 -10.25
CA TYR A 17 3.18 -21.48 -9.01
C TYR A 17 3.29 -19.97 -8.76
N ASP A 18 3.62 -19.21 -9.82
CA ASP A 18 3.71 -17.76 -9.66
C ASP A 18 2.35 -17.16 -9.31
N LEU A 19 1.29 -17.67 -9.93
CA LEU A 19 -0.06 -17.18 -9.61
C LEU A 19 -0.45 -17.52 -8.19
N THR A 20 -0.07 -18.71 -7.71
CA THR A 20 -0.36 -19.07 -6.32
C THR A 20 0.42 -18.19 -5.36
N ARG A 21 1.66 -17.84 -5.69
CA ARG A 21 2.41 -16.93 -4.84
C ARG A 21 1.78 -15.54 -4.80
N TYR A 22 1.36 -15.04 -5.97
CA TYR A 22 0.68 -13.74 -6.03
C TYR A 22 -0.61 -13.77 -5.22
N LEU A 23 -1.38 -14.85 -5.34
CA LEU A 23 -2.61 -14.99 -4.57
C LEU A 23 -2.33 -15.10 -3.08
N GLU A 24 -1.23 -15.74 -2.69
CA GLU A 24 -0.87 -15.81 -1.28
C GLU A 24 -0.54 -14.43 -0.74
N HIS A 25 0.21 -13.63 -1.49
CA HIS A 25 0.51 -12.27 -1.06
C HIS A 25 -0.75 -11.44 -0.95
N GLN A 26 -1.63 -11.54 -1.95
CA GLN A 26 -2.89 -10.79 -1.92
C GLN A 26 -3.76 -11.22 -0.76
N LEU A 27 -3.78 -12.52 -0.46
CA LEU A 27 -4.57 -13.03 0.66
C LEU A 27 -3.99 -12.57 1.99
N ARG A 28 -2.65 -12.49 2.09
CA ARG A 28 -2.04 -11.98 3.31
C ARG A 28 -2.43 -10.52 3.53
N SER A 29 -2.38 -9.71 2.49
CA SER A 29 -2.78 -8.31 2.61
C SER A 29 -4.25 -8.18 2.97
N LEU A 30 -5.10 -8.95 2.30
CA LEU A 30 -6.54 -8.89 2.57
C LEU A 30 -6.86 -9.39 3.98
N ALA A 31 -6.11 -10.38 4.46
CA ALA A 31 -6.33 -10.88 5.81
C ALA A 31 -5.91 -9.86 6.86
N GLY A 32 -4.77 -9.20 6.63
CA GLY A 32 -4.39 -8.10 7.51
C GLY A 32 -5.46 -7.02 7.56
N THR A 33 -5.96 -6.62 6.39
CA THR A 33 -7.00 -5.59 6.35
C THR A 33 -8.27 -6.06 7.05
N TYR A 34 -8.68 -7.31 6.82
CA TYR A 34 -9.92 -7.81 7.42
C TYR A 34 -9.79 -7.94 8.93
N LEU A 35 -8.62 -8.34 9.42
CA LEU A 35 -8.42 -8.43 10.86
C LEU A 35 -8.35 -7.05 11.50
N ASN A 36 -7.78 -6.06 10.79
CA ASN A 36 -7.75 -4.71 11.32
C ASN A 36 -9.14 -4.07 11.31
N TYR A 37 -10.00 -4.47 10.37
CA TYR A 37 -11.31 -3.85 10.24
C TYR A 37 -12.37 -4.51 11.12
N LEU A 38 -12.46 -5.83 11.11
CA LEU A 38 -13.55 -6.55 11.77
C LEU A 38 -13.10 -7.00 13.16
N GLY A 39 -13.71 -6.41 14.19
CA GLY A 39 -13.52 -6.88 15.55
C GLY A 39 -12.41 -6.16 16.30
N PRO A 40 -12.79 -5.35 17.29
CA PRO A 40 -11.78 -4.75 18.17
C PRO A 40 -10.99 -5.79 18.95
N PRO A 41 -11.61 -6.89 19.46
CA PRO A 41 -10.80 -7.89 20.17
C PRO A 41 -10.18 -8.93 19.24
N PHE A 42 -10.15 -8.63 17.95
CA PHE A 42 -9.63 -9.57 16.95
C PHE A 42 -8.25 -9.21 16.42
N ASN A 43 -7.92 -7.93 16.32
CA ASN A 43 -6.65 -7.54 15.69
C ASN A 43 -5.49 -7.61 16.67
N GLU A 44 -5.53 -6.81 17.74
CA GLU A 44 -4.40 -6.76 18.66
C GLU A 44 -4.29 -7.97 19.60
N PRO A 45 -5.38 -8.57 20.09
CA PRO A 45 -5.22 -9.73 20.97
C PRO A 45 -5.03 -11.01 20.18
N ASP A 46 -4.67 -12.07 20.90
CA ASP A 46 -4.52 -13.38 20.26
C ASP A 46 -5.86 -13.92 19.79
N PHE A 47 -6.79 -14.12 20.73
CA PHE A 47 -8.16 -14.54 20.44
C PHE A 47 -8.19 -15.85 19.65
N ASN A 48 -7.73 -16.91 20.32
CA ASN A 48 -7.73 -18.26 19.77
C ASN A 48 -8.78 -19.11 20.49
N PRO A 49 -10.02 -19.09 20.03
CA PRO A 49 -11.08 -19.87 20.69
C PRO A 49 -11.17 -21.26 20.10
N PRO A 50 -11.70 -22.23 20.85
CA PRO A 50 -11.89 -23.57 20.30
C PRO A 50 -12.93 -23.56 19.18
N ARG A 51 -12.57 -24.18 18.06
CA ARG A 51 -13.42 -24.18 16.87
C ARG A 51 -14.54 -25.19 17.05
N LEU A 52 -15.73 -24.69 17.39
CA LEU A 52 -16.93 -25.52 17.50
C LEU A 52 -18.04 -25.08 16.58
N GLY A 53 -17.79 -24.10 15.70
CA GLY A 53 -18.83 -23.59 14.82
C GLY A 53 -18.66 -24.02 13.37
N ALA A 54 -17.42 -24.16 12.93
CA ALA A 54 -17.12 -24.52 11.54
C ALA A 54 -16.74 -25.99 11.49
N GLU A 55 -17.63 -26.82 10.93
CA GLU A 55 -17.35 -28.24 10.77
C GLU A 55 -17.74 -28.79 9.40
N THR A 56 -18.20 -27.94 8.48
CA THR A 56 -18.61 -28.38 7.15
C THR A 56 -17.54 -28.20 6.09
N LEU A 57 -16.69 -27.18 6.22
CA LEU A 57 -15.63 -26.96 5.25
C LEU A 57 -14.55 -28.02 5.40
N PRO A 58 -13.91 -28.41 4.30
CA PRO A 58 -12.88 -29.45 4.38
C PRO A 58 -11.61 -28.94 5.06
N ARG A 59 -10.98 -29.81 5.83
CA ARG A 59 -9.76 -29.46 6.54
C ARG A 59 -8.54 -29.74 5.67
N ALA A 60 -7.38 -29.29 6.15
CA ALA A 60 -6.10 -29.48 5.47
C ALA A 60 -5.10 -30.13 6.40
N THR A 61 -5.55 -31.14 7.16
CA THR A 61 -4.70 -31.85 8.12
C THR A 61 -4.37 -33.21 7.53
N VAL A 62 -3.17 -33.35 6.99
CA VAL A 62 -2.70 -34.60 6.38
C VAL A 62 -1.35 -34.96 6.97
N ASP A 63 -1.05 -36.25 6.96
CA ASP A 63 0.24 -36.75 7.43
C ASP A 63 1.27 -36.69 6.30
N LEU A 64 2.54 -36.84 6.68
CA LEU A 64 3.61 -36.77 5.69
C LEU A 64 3.59 -37.99 4.77
N GLU A 65 3.35 -39.18 5.32
CA GLU A 65 3.35 -40.39 4.51
C GLU A 65 2.18 -40.40 3.53
N VAL A 66 0.99 -40.02 3.99
CA VAL A 66 -0.16 -39.95 3.11
C VAL A 66 -0.04 -38.79 2.12
N TRP A 67 0.80 -37.80 2.43
CA TRP A 67 1.05 -36.72 1.48
C TRP A 67 2.07 -37.12 0.41
N ARG A 68 2.98 -38.03 0.75
CA ARG A 68 3.95 -38.54 -0.21
C ARG A 68 3.46 -39.75 -0.98
N SER A 69 2.38 -40.40 -0.52
CA SER A 69 1.88 -41.58 -1.20
C SER A 69 1.10 -41.24 -2.47
N LEU A 70 0.40 -40.11 -2.48
CA LEU A 70 -0.38 -39.71 -3.64
C LEU A 70 0.52 -39.40 -4.83
N ASN A 71 -0.03 -39.55 -6.04
CA ASN A 71 0.70 -39.28 -7.27
C ASN A 71 -0.14 -38.38 -8.18
N ASP A 72 -0.12 -37.08 -7.90
CA ASP A 72 -0.54 -36.03 -8.82
C ASP A 72 -2.01 -36.10 -9.24
N LYS A 73 -2.78 -37.05 -8.70
CA LYS A 73 -4.18 -37.20 -9.09
C LYS A 73 -5.13 -36.94 -7.93
N LEU A 74 -5.00 -37.68 -6.82
CA LEU A 74 -5.88 -37.47 -5.68
C LEU A 74 -5.67 -36.09 -5.08
N ARG A 75 -4.41 -35.63 -5.03
CA ARG A 75 -4.13 -34.29 -4.55
C ARG A 75 -4.82 -33.24 -5.41
N LEU A 76 -4.78 -33.41 -6.74
CA LEU A 76 -5.41 -32.45 -7.63
C LEU A 76 -6.92 -32.46 -7.47
N THR A 77 -7.52 -33.65 -7.35
CA THR A 77 -8.97 -33.72 -7.17
C THR A 77 -9.40 -33.05 -5.86
N GLN A 78 -8.69 -33.38 -4.77
CA GLN A 78 -9.04 -32.79 -3.47
C GLN A 78 -8.82 -31.29 -3.48
N ASN A 79 -7.77 -30.82 -4.16
CA ASN A 79 -7.52 -29.39 -4.24
C ASN A 79 -8.60 -28.69 -5.06
N TYR A 80 -9.09 -29.33 -6.12
CA TYR A 80 -10.18 -28.74 -6.89
C TYR A 80 -11.46 -28.65 -6.06
N GLU A 81 -11.78 -29.72 -5.31
CA GLU A 81 -12.96 -29.68 -4.47
C GLU A 81 -12.85 -28.60 -3.39
N ALA A 82 -11.68 -28.52 -2.73
CA ALA A 82 -11.47 -27.50 -1.72
C ALA A 82 -11.54 -26.09 -2.31
N TYR A 83 -11.00 -25.92 -3.52
CA TYR A 83 -11.06 -24.62 -4.17
C TYR A 83 -12.49 -24.22 -4.47
N SER A 84 -13.30 -25.16 -4.96
CA SER A 84 -14.70 -24.86 -5.24
C SER A 84 -15.44 -24.49 -3.97
N HIS A 85 -15.25 -25.26 -2.89
CA HIS A 85 -15.94 -24.97 -1.64
C HIS A 85 -15.51 -23.63 -1.08
N LEU A 86 -14.20 -23.34 -1.07
CA LEU A 86 -13.72 -22.09 -0.53
C LEU A 86 -14.13 -20.90 -1.40
N LEU A 87 -14.27 -21.11 -2.72
CA LEU A 87 -14.75 -20.04 -3.58
C LEU A 87 -16.22 -19.74 -3.31
N CYS A 88 -17.04 -20.78 -3.11
CA CYS A 88 -18.43 -20.55 -2.72
C CYS A 88 -18.52 -19.82 -1.39
N TYR A 89 -17.68 -20.21 -0.42
CA TYR A 89 -17.70 -19.54 0.89
C TYR A 89 -17.22 -18.10 0.78
N LEU A 90 -16.25 -17.85 -0.10
CA LEU A 90 -15.77 -16.48 -0.31
C LEU A 90 -16.83 -15.62 -0.98
N ARG A 91 -17.60 -16.20 -1.91
CA ARG A 91 -18.71 -15.46 -2.51
C ARG A 91 -19.78 -15.16 -1.47
N GLY A 92 -20.05 -16.11 -0.57
CA GLY A 92 -20.98 -15.83 0.51
C GLY A 92 -20.49 -14.73 1.43
N LEU A 93 -19.21 -14.75 1.79
CA LEU A 93 -18.64 -13.69 2.61
C LEU A 93 -18.69 -12.35 1.90
N ASN A 94 -18.51 -12.35 0.57
CA ASN A 94 -18.60 -11.12 -0.20
C ASN A 94 -20.02 -10.57 -0.18
N ARG A 95 -21.01 -11.44 -0.33
CA ARG A 95 -22.40 -11.01 -0.22
C ARG A 95 -22.72 -10.54 1.20
N GLN A 96 -21.99 -11.04 2.20
CA GLN A 96 -22.22 -10.61 3.57
C GLN A 96 -21.62 -9.25 3.86
N ALA A 97 -20.37 -9.02 3.44
CA ALA A 97 -19.68 -7.77 3.75
C ALA A 97 -20.27 -6.61 2.95
N ALA A 98 -20.17 -5.41 3.52
CA ALA A 98 -20.68 -4.19 2.90
C ALA A 98 -19.67 -3.06 3.13
N THR A 99 -18.75 -2.89 2.19
CA THR A 99 -17.78 -1.80 2.22
C THR A 99 -17.20 -1.65 0.83
N ALA A 100 -17.15 -0.41 0.34
CA ALA A 100 -16.82 -0.16 -1.07
C ALA A 100 -15.46 -0.74 -1.44
N GLU A 101 -14.39 -0.22 -0.83
CA GLU A 101 -13.05 -0.69 -1.17
C GLU A 101 -12.84 -2.14 -0.77
N LEU A 102 -13.41 -2.54 0.37
CA LEU A 102 -13.27 -3.92 0.81
C LEU A 102 -13.95 -4.88 -0.15
N ARG A 103 -15.17 -4.55 -0.59
CA ARG A 103 -15.86 -5.39 -1.57
C ARG A 103 -15.14 -5.38 -2.91
N ARG A 104 -14.54 -4.25 -3.30
CA ARG A 104 -13.79 -4.21 -4.55
C ARG A 104 -12.58 -5.14 -4.50
N SER A 105 -11.81 -5.06 -3.41
CA SER A 105 -10.65 -5.94 -3.26
C SER A 105 -11.08 -7.40 -3.16
N LEU A 106 -12.21 -7.65 -2.50
CA LEU A 106 -12.70 -9.02 -2.36
C LEU A 106 -13.14 -9.58 -3.71
N ALA A 107 -13.80 -8.77 -4.54
CA ALA A 107 -14.18 -9.21 -5.87
C ALA A 107 -12.96 -9.44 -6.76
N HIS A 108 -11.95 -8.59 -6.61
CA HIS A 108 -10.69 -8.82 -7.33
C HIS A 108 -10.07 -10.15 -6.93
N PHE A 109 -10.00 -10.42 -5.63
CA PHE A 109 -9.46 -11.69 -5.17
C PHE A 109 -10.30 -12.86 -5.65
N CYS A 110 -11.62 -12.69 -5.69
CA CYS A 110 -12.50 -13.77 -6.12
C CYS A 110 -12.31 -14.09 -7.60
N THR A 111 -12.25 -13.06 -8.44
CA THR A 111 -12.04 -13.31 -9.87
C THR A 111 -10.63 -13.83 -10.15
N SER A 112 -9.64 -13.42 -9.35
CA SER A 112 -8.30 -13.98 -9.52
C SER A 112 -8.26 -15.45 -9.12
N LEU A 113 -8.96 -15.81 -8.04
CA LEU A 113 -9.04 -17.22 -7.64
C LEU A 113 -9.80 -18.04 -8.68
N GLN A 114 -10.83 -17.46 -9.28
CA GLN A 114 -11.55 -18.16 -10.35
C GLN A 114 -10.65 -18.37 -11.56
N GLY A 115 -9.85 -17.36 -11.93
CA GLY A 115 -8.91 -17.54 -13.01
C GLY A 115 -7.86 -18.60 -12.70
N LEU A 116 -7.38 -18.63 -11.45
CA LEU A 116 -6.43 -19.65 -11.05
C LEU A 116 -7.04 -21.04 -11.11
N LEU A 117 -8.31 -21.17 -10.69
CA LEU A 117 -8.99 -22.45 -10.78
C LEU A 117 -9.17 -22.89 -12.23
N GLY A 118 -9.51 -21.95 -13.11
CA GLY A 118 -9.61 -22.28 -14.52
C GLY A 118 -8.28 -22.71 -15.11
N SER A 119 -7.20 -22.04 -14.71
CA SER A 119 -5.87 -22.42 -15.19
C SER A 119 -5.49 -23.81 -14.68
N ILE A 120 -5.83 -24.12 -13.43
CA ILE A 120 -5.54 -25.44 -12.88
C ILE A 120 -6.35 -26.51 -13.61
N ALA A 121 -7.61 -26.21 -13.93
CA ALA A 121 -8.42 -27.15 -14.69
C ALA A 121 -7.84 -27.37 -16.09
N GLY A 122 -7.38 -26.31 -16.73
CA GLY A 122 -6.75 -26.45 -18.04
C GLY A 122 -5.47 -27.26 -17.97
N VAL A 123 -4.68 -27.07 -16.91
CA VAL A 123 -3.46 -27.86 -16.74
C VAL A 123 -3.80 -29.33 -16.53
N MET A 124 -4.82 -29.61 -15.71
CA MET A 124 -5.25 -30.98 -15.49
C MET A 124 -5.71 -31.62 -16.80
N ALA A 125 -6.46 -30.87 -17.61
CA ALA A 125 -6.90 -31.39 -18.91
C ALA A 125 -5.75 -31.50 -19.90
N ALA A 126 -4.64 -30.80 -19.67
CA ALA A 126 -3.52 -30.83 -20.58
C ALA A 126 -2.52 -31.94 -20.29
N LEU A 127 -2.45 -32.42 -19.04
CA LEU A 127 -1.52 -33.47 -18.68
C LEU A 127 -1.93 -34.84 -19.21
N GLY A 128 -3.09 -34.96 -19.86
CA GLY A 128 -3.48 -36.23 -20.45
C GLY A 128 -4.14 -37.20 -19.50
N TYR A 129 -4.77 -36.71 -18.43
CA TYR A 129 -5.47 -37.59 -17.51
C TYR A 129 -6.93 -37.72 -17.92
N PRO A 130 -7.48 -38.94 -18.00
CA PRO A 130 -8.88 -39.13 -18.43
C PRO A 130 -9.90 -38.83 -17.34
N LEU A 131 -9.71 -37.70 -16.66
CA LEU A 131 -10.64 -37.21 -15.64
C LEU A 131 -10.75 -35.70 -15.77
N PRO A 132 -11.45 -35.22 -16.80
CA PRO A 132 -11.48 -33.77 -17.06
C PRO A 132 -12.11 -32.97 -15.94
N GLN A 133 -13.37 -33.27 -15.60
CA GLN A 133 -14.11 -32.50 -14.61
C GLN A 133 -15.17 -33.40 -13.99
N PRO A 134 -14.91 -33.97 -12.81
CA PRO A 134 -15.96 -34.69 -12.09
C PRO A 134 -16.97 -33.73 -11.50
N LEU A 135 -18.21 -34.18 -11.41
CA LEU A 135 -19.29 -33.34 -10.91
C LEU A 135 -19.08 -33.01 -9.43
N PRO A 136 -18.85 -31.75 -9.06
CA PRO A 136 -18.60 -31.43 -7.66
C PRO A 136 -19.85 -30.97 -6.91
N GLY A 137 -20.03 -31.47 -5.68
CA GLY A 137 -21.03 -30.93 -4.78
C GLY A 137 -22.45 -30.92 -5.29
N THR A 138 -22.92 -29.73 -5.65
CA THR A 138 -24.26 -29.35 -6.07
C THR A 138 -25.23 -29.29 -4.89
N GLU A 139 -24.83 -29.73 -3.69
CA GLU A 139 -25.56 -29.41 -2.47
C GLU A 139 -25.11 -28.07 -1.91
N PRO A 140 -23.79 -27.81 -1.74
CA PRO A 140 -23.37 -26.49 -1.25
C PRO A 140 -23.11 -25.51 -2.38
N THR A 141 -23.60 -25.82 -3.58
CA THR A 141 -23.31 -24.99 -4.75
C THR A 141 -23.79 -23.55 -4.57
N TRP A 142 -24.74 -23.31 -3.69
CA TRP A 142 -25.21 -21.96 -3.39
C TRP A 142 -24.95 -21.56 -1.95
N THR A 143 -25.27 -22.45 -1.00
CA THR A 143 -25.06 -22.24 0.43
C THR A 143 -25.68 -20.92 0.89
N PRO A 144 -27.00 -20.82 0.95
CA PRO A 144 -27.63 -19.57 1.40
C PRO A 144 -27.40 -19.34 2.89
N GLY A 145 -27.25 -18.08 3.25
CA GLY A 145 -27.00 -17.69 4.62
C GLY A 145 -28.14 -18.04 5.55
N PRO A 146 -27.89 -18.91 6.51
CA PRO A 146 -28.93 -19.32 7.46
C PRO A 146 -29.09 -18.28 8.55
N ALA A 147 -30.03 -18.55 9.46
CA ALA A 147 -30.30 -17.67 10.59
C ALA A 147 -29.33 -17.99 11.72
N HIS A 148 -28.35 -17.12 11.93
CA HIS A 148 -27.34 -17.30 12.97
C HIS A 148 -27.00 -15.95 13.58
N SER A 149 -26.24 -15.99 14.67
CA SER A 149 -25.83 -14.77 15.35
C SER A 149 -24.69 -14.10 14.59
N ASP A 150 -24.49 -12.81 14.89
CA ASP A 150 -23.44 -12.05 14.22
C ASP A 150 -22.06 -12.47 14.69
N PHE A 151 -21.90 -12.71 16.00
CA PHE A 151 -20.62 -13.14 16.52
C PHE A 151 -20.25 -14.52 15.98
N LEU A 152 -21.24 -15.42 15.86
CA LEU A 152 -20.98 -16.73 15.27
C LEU A 152 -20.55 -16.60 13.82
N GLN A 153 -21.18 -15.69 13.07
CA GLN A 153 -20.80 -15.48 11.68
C GLN A 153 -19.39 -14.92 11.58
N LYS A 154 -19.02 -14.00 12.48
CA LYS A 154 -17.68 -13.45 12.47
C LYS A 154 -16.64 -14.53 12.79
N MET A 155 -16.93 -15.38 13.78
CA MET A 155 -16.02 -16.47 14.10
C MET A 155 -15.88 -17.44 12.93
N ASP A 156 -17.00 -17.75 12.27
CA ASP A 156 -16.96 -18.64 11.11
C ASP A 156 -16.14 -18.02 9.99
N ASP A 157 -16.28 -16.72 9.75
CA ASP A 157 -15.51 -16.06 8.71
C ASP A 157 -14.01 -16.04 9.05
N PHE A 158 -13.68 -15.83 10.32
CA PHE A 158 -12.28 -15.86 10.74
C PHE A 158 -11.68 -17.24 10.53
N TRP A 159 -12.41 -18.29 10.95
CA TRP A 159 -11.91 -19.64 10.77
C TRP A 159 -11.82 -20.00 9.29
N LEU A 160 -12.76 -19.51 8.48
CA LEU A 160 -12.71 -19.74 7.04
C LEU A 160 -11.48 -19.09 6.42
N LEU A 161 -11.17 -17.86 6.81
CA LEU A 161 -9.98 -17.19 6.31
C LEU A 161 -8.72 -17.94 6.72
N LYS A 162 -8.65 -18.39 7.98
CA LYS A 162 -7.48 -19.14 8.43
C LYS A 162 -7.33 -20.44 7.65
N GLU A 163 -8.44 -21.17 7.44
CA GLU A 163 -8.38 -22.41 6.70
C GLU A 163 -8.00 -22.18 5.24
N LEU A 164 -8.46 -21.07 4.66
CA LEU A 164 -8.11 -20.76 3.28
C LEU A 164 -6.62 -20.43 3.15
N GLN A 165 -6.07 -19.69 4.13
CA GLN A 165 -4.64 -19.41 4.12
C GLN A 165 -3.83 -20.69 4.26
N THR A 166 -4.24 -21.56 5.19
CA THR A 166 -3.55 -22.83 5.37
C THR A 166 -3.65 -23.70 4.12
N TRP A 167 -4.80 -23.69 3.46
CA TRP A 167 -4.97 -24.47 2.24
C TRP A 167 -4.11 -23.93 1.11
N LEU A 168 -3.99 -22.61 1.01
CA LEU A 168 -3.12 -22.04 -0.02
C LEU A 168 -1.66 -22.39 0.23
N TRP A 169 -1.23 -22.32 1.50
CA TRP A 169 0.15 -22.71 1.82
C TRP A 169 0.39 -24.18 1.51
N ARG A 170 -0.55 -25.04 1.90
CA ARG A 170 -0.41 -26.47 1.64
C ARG A 170 -0.41 -26.76 0.14
N SER A 171 -1.21 -26.02 -0.63
CA SER A 171 -1.24 -26.21 -2.07
C SER A 171 0.07 -25.77 -2.72
N ALA A 172 0.65 -24.67 -2.23
CA ALA A 172 1.96 -24.26 -2.73
C ALA A 172 3.02 -25.30 -2.43
N LYS A 173 3.01 -25.84 -1.21
CA LYS A 173 3.99 -26.87 -0.87
C LYS A 173 3.76 -28.15 -1.67
N ASP A 174 2.50 -28.48 -1.96
CA ASP A 174 2.20 -29.67 -2.75
C ASP A 174 2.61 -29.48 -4.20
N PHE A 175 2.47 -28.25 -4.72
CA PHE A 175 2.95 -27.98 -6.07
C PHE A 175 4.47 -28.06 -6.14
N ASN A 176 5.16 -27.59 -5.10
CA ASN A 176 6.61 -27.74 -5.05
C ASN A 176 7.00 -29.22 -5.00
N ARG A 177 6.27 -30.01 -4.22
CA ARG A 177 6.55 -31.45 -4.16
C ARG A 177 6.30 -32.12 -5.51
N LEU A 178 5.25 -31.70 -6.21
CA LEU A 178 4.97 -32.24 -7.54
C LEU A 178 6.07 -31.87 -8.52
N LYS A 179 6.57 -30.63 -8.45
CA LYS A 179 7.68 -30.22 -9.30
C LYS A 179 8.93 -31.04 -8.99
N LYS A 180 9.16 -31.35 -7.72
CA LYS A 180 10.32 -32.17 -7.35
C LYS A 180 10.16 -33.60 -7.83
N LYS A 181 8.94 -34.13 -7.78
CA LYS A 181 8.73 -35.54 -8.11
C LYS A 181 8.59 -35.79 -9.60
N MET A 182 8.21 -34.77 -10.38
CA MET A 182 7.90 -34.97 -11.79
C MET A 182 9.10 -34.74 -12.70
N GLN A 183 9.68 -33.52 -12.67
CA GLN A 183 10.73 -33.19 -13.63
C GLN A 183 12.04 -33.90 -13.32
N PRO A 184 12.64 -33.74 -12.11
CA PRO A 184 13.90 -34.44 -11.92
C PRO A 184 13.71 -35.84 -11.32
N LEU B 85 18.22 -18.26 47.27
CA LEU B 85 17.46 -17.28 46.51
C LEU B 85 16.25 -17.93 45.85
N PRO B 86 15.07 -17.31 46.00
CA PRO B 86 13.88 -17.87 45.38
C PRO B 86 13.96 -17.80 43.87
N PRO B 87 13.33 -18.73 43.16
CA PRO B 87 13.38 -18.71 41.70
C PRO B 87 12.53 -17.59 41.12
N ARG B 88 12.96 -17.09 39.96
CA ARG B 88 12.26 -16.02 39.25
C ARG B 88 11.55 -16.60 38.03
N GLU B 89 10.97 -15.71 37.24
CA GLU B 89 10.25 -16.12 36.03
C GLU B 89 11.25 -16.51 34.95
N PRO B 90 11.28 -17.76 34.51
CA PRO B 90 12.24 -18.16 33.48
C PRO B 90 11.84 -17.63 32.11
N VAL B 91 12.74 -17.83 31.15
CA VAL B 91 12.52 -17.41 29.76
C VAL B 91 12.20 -18.65 28.94
N LEU B 92 11.14 -18.58 28.14
CA LEU B 92 10.70 -19.71 27.33
C LEU B 92 10.44 -19.21 25.91
N SER B 93 11.37 -19.54 25.00
CA SER B 93 11.23 -19.19 23.59
C SER B 93 11.73 -20.39 22.78
N CYS B 94 10.82 -21.08 22.12
CA CYS B 94 11.15 -22.30 21.39
C CYS B 94 11.40 -22.01 19.92
N ARG B 95 12.12 -22.93 19.28
CA ARG B 95 12.53 -22.79 17.89
C ARG B 95 12.55 -24.15 17.23
N SER B 96 12.02 -24.23 16.01
CA SER B 96 11.97 -25.47 15.25
C SER B 96 13.10 -25.45 14.22
N ASN B 97 14.08 -26.34 14.39
CA ASN B 97 15.18 -26.42 13.45
C ASN B 97 14.83 -27.21 12.20
N THR B 98 14.00 -28.25 12.35
CA THR B 98 13.57 -29.09 11.22
C THR B 98 12.05 -29.04 11.14
N TYR B 99 11.54 -28.57 10.00
CA TYR B 99 10.08 -28.48 9.83
C TYR B 99 9.44 -29.86 9.68
N PRO B 100 9.91 -30.76 8.80
CA PRO B 100 9.27 -32.08 8.71
C PRO B 100 9.39 -32.88 10.00
N LYS B 101 10.53 -32.82 10.67
CA LYS B 101 10.73 -33.53 11.92
C LYS B 101 10.24 -32.67 13.08
N GLY B 102 10.53 -33.08 14.31
CA GLY B 102 10.09 -32.37 15.48
C GLY B 102 10.92 -31.13 15.76
N PHE B 103 10.74 -30.59 16.96
CA PHE B 103 11.44 -29.39 17.39
C PHE B 103 11.94 -29.59 18.82
N TYR B 104 12.85 -28.72 19.24
CA TYR B 104 13.45 -28.80 20.57
C TYR B 104 13.71 -27.39 21.08
N CYS B 105 13.67 -27.25 22.40
CA CYS B 105 13.94 -25.96 23.04
C CYS B 105 14.25 -26.20 24.51
N SER B 106 14.88 -25.20 25.12
CA SER B 106 15.33 -25.28 26.50
C SER B 106 14.66 -24.18 27.33
N TRP B 107 14.94 -24.19 28.63
CA TRP B 107 14.42 -23.22 29.57
C TRP B 107 15.50 -22.92 30.61
N HIS B 108 15.64 -21.63 30.93
CA HIS B 108 16.66 -21.19 31.88
C HIS B 108 16.12 -20.03 32.70
N LEU B 109 16.69 -19.87 33.90
CA LEU B 109 16.29 -18.80 34.82
C LEU B 109 17.21 -17.60 34.64
N PRO B 110 16.68 -16.38 34.77
CA PRO B 110 17.54 -15.20 34.62
C PRO B 110 18.55 -15.06 35.75
N THR B 111 18.15 -15.33 36.99
CA THR B 111 19.06 -15.25 38.12
C THR B 111 19.51 -16.66 38.50
N PRO B 112 20.80 -16.94 38.57
CA PRO B 112 21.26 -18.29 38.91
C PRO B 112 20.99 -18.61 40.38
N THR B 113 20.89 -19.90 40.66
CA THR B 113 20.63 -20.40 42.00
C THR B 113 21.76 -21.33 42.43
N TYR B 114 22.16 -21.22 43.69
CA TYR B 114 23.27 -22.01 44.23
C TYR B 114 22.88 -23.44 44.56
N ILE B 115 21.60 -23.80 44.47
CA ILE B 115 21.15 -25.16 44.76
C ILE B 115 20.47 -25.72 43.53
N PRO B 116 20.54 -27.04 43.30
CA PRO B 116 19.90 -27.61 42.11
C PRO B 116 18.38 -27.60 42.23
N ASN B 117 17.72 -27.49 41.08
CA ASN B 117 16.27 -27.43 41.00
C ASN B 117 15.76 -28.63 40.19
N THR B 118 14.44 -28.82 40.24
CA THR B 118 13.78 -29.89 39.50
C THR B 118 12.73 -29.27 38.59
N PHE B 119 12.76 -29.65 37.31
CA PHE B 119 11.86 -29.11 36.31
C PHE B 119 10.94 -30.21 35.78
N ASN B 120 9.74 -29.80 35.38
CA ASN B 120 8.77 -30.71 34.80
C ASN B 120 8.01 -29.97 33.70
N VAL B 121 8.08 -30.48 32.47
CA VAL B 121 7.46 -29.85 31.32
C VAL B 121 6.39 -30.79 30.77
N THR B 122 5.27 -30.22 30.34
CA THR B 122 4.19 -30.98 29.74
C THR B 122 3.58 -30.19 28.59
N VAL B 123 3.05 -30.91 27.62
CA VAL B 123 2.47 -30.31 26.41
C VAL B 123 1.03 -30.77 26.28
N LEU B 124 0.14 -29.85 25.92
CA LEU B 124 -1.27 -30.14 25.74
C LEU B 124 -1.66 -30.26 24.27
N HIS B 125 -1.37 -29.23 23.47
CA HIS B 125 -1.71 -29.20 22.05
C HIS B 125 -3.22 -29.43 21.85
N GLY B 126 -4.01 -28.55 22.47
CA GLY B 126 -5.45 -28.70 22.42
C GLY B 126 -5.94 -29.71 23.44
N SER B 127 -6.32 -30.90 22.96
CA SER B 127 -6.73 -32.01 23.81
C SER B 127 -5.92 -33.23 23.39
N LYS B 128 -4.72 -33.35 23.95
CA LYS B 128 -3.81 -34.45 23.62
C LYS B 128 -2.70 -34.46 24.67
N ILE B 129 -1.78 -35.41 24.53
CA ILE B 129 -0.65 -35.56 25.45
C ILE B 129 0.61 -35.82 24.63
N MET B 130 1.72 -35.23 25.07
CA MET B 130 3.02 -35.42 24.43
C MET B 130 4.04 -35.87 25.47
N VAL B 131 4.89 -36.81 25.09
CA VAL B 131 5.89 -37.37 25.99
C VAL B 131 7.27 -36.80 25.72
N CYS B 132 7.66 -36.72 24.46
CA CYS B 132 8.95 -36.19 24.02
C CYS B 132 10.11 -36.77 24.86
N GLU B 133 10.30 -38.08 24.66
CA GLU B 133 11.36 -38.80 25.36
C GLU B 133 12.69 -38.05 25.26
N LYS B 134 13.36 -37.92 26.40
CA LYS B 134 14.54 -37.06 26.53
C LYS B 134 15.81 -37.87 26.31
N ASP B 135 16.59 -37.46 25.31
CA ASP B 135 17.91 -38.04 25.07
C ASP B 135 18.77 -37.01 24.33
N PRO B 136 19.03 -35.84 24.93
CA PRO B 136 19.78 -34.80 24.23
C PRO B 136 21.28 -34.87 24.48
N ALA B 137 22.03 -33.92 23.92
CA ALA B 137 23.42 -33.73 24.28
C ALA B 137 23.56 -32.79 25.47
N LEU B 138 22.91 -31.63 25.41
CA LEU B 138 22.82 -30.71 26.53
C LEU B 138 21.46 -30.87 27.20
N LYS B 139 21.43 -30.73 28.52
CA LYS B 139 20.23 -31.00 29.29
C LYS B 139 19.13 -29.99 28.96
N ASN B 140 17.95 -30.22 29.53
CA ASN B 140 16.77 -29.37 29.33
C ASN B 140 16.37 -29.34 27.86
N ARG B 141 16.27 -30.51 27.26
CA ARG B 141 15.86 -30.63 25.86
C ARG B 141 15.18 -31.99 25.69
N CYS B 142 13.85 -31.99 25.51
CA CYS B 142 13.11 -33.22 25.38
C CYS B 142 12.78 -33.59 23.95
N HIS B 143 13.06 -32.70 22.98
CA HIS B 143 12.93 -32.97 21.55
C HIS B 143 11.51 -33.42 21.19
N ILE B 144 10.59 -32.45 21.33
CA ILE B 144 9.20 -32.69 20.97
C ILE B 144 9.11 -33.09 19.50
N ARG B 145 8.39 -34.17 19.23
CA ARG B 145 8.25 -34.70 17.87
C ARG B 145 6.89 -34.32 17.30
N TYR B 146 6.89 -33.83 16.07
CA TYR B 146 5.65 -33.49 15.38
C TYR B 146 4.93 -34.73 14.92
N MET B 147 3.60 -34.64 14.85
CA MET B 147 2.75 -35.73 14.40
C MET B 147 1.86 -35.37 13.23
N HIS B 148 1.33 -34.15 13.20
CA HIS B 148 0.47 -33.70 12.12
C HIS B 148 1.02 -32.42 11.52
N LEU B 149 0.76 -32.22 10.24
CA LEU B 149 1.21 -31.05 9.50
C LEU B 149 0.02 -30.21 9.07
N PHE B 150 0.18 -28.88 9.18
CA PHE B 150 -0.87 -27.92 8.82
C PHE B 150 -2.15 -28.19 9.61
N SER B 151 -2.00 -28.43 10.91
CA SER B 151 -3.13 -28.72 11.77
C SER B 151 -3.91 -27.47 12.17
N THR B 152 -3.32 -26.28 12.00
CA THR B 152 -3.95 -25.01 12.36
C THR B 152 -4.36 -25.02 13.84
N ILE B 153 -3.46 -25.51 14.69
CA ILE B 153 -3.66 -25.55 16.13
C ILE B 153 -2.46 -24.91 16.80
N LYS B 154 -2.70 -23.91 17.63
CA LYS B 154 -1.62 -23.20 18.30
C LYS B 154 -1.02 -24.08 19.39
N TYR B 155 0.26 -24.42 19.23
CA TYR B 155 0.94 -25.24 20.23
C TYR B 155 1.23 -24.42 21.47
N LYS B 156 0.94 -25.00 22.63
CA LYS B 156 1.20 -24.36 23.92
C LYS B 156 1.96 -25.30 24.83
N VAL B 157 2.91 -24.75 25.58
CA VAL B 157 3.74 -25.51 26.50
C VAL B 157 3.72 -24.83 27.85
N SER B 158 3.87 -25.61 28.91
CA SER B 158 3.87 -25.10 30.27
C SER B 158 5.01 -25.75 31.04
N ILE B 159 5.89 -24.93 31.58
CA ILE B 159 7.01 -25.40 32.37
C ILE B 159 6.72 -25.14 33.85
N SER B 160 7.52 -25.76 34.72
CA SER B 160 7.33 -25.61 36.16
C SER B 160 8.67 -25.83 36.85
N VAL B 161 9.03 -24.91 37.75
CA VAL B 161 10.26 -25.01 38.51
C VAL B 161 9.92 -25.28 39.96
N SER B 162 10.91 -25.76 40.70
CA SER B 162 10.76 -26.07 42.11
C SER B 162 12.03 -25.73 42.86
N ASN B 163 11.87 -25.27 44.10
CA ASN B 163 13.00 -24.88 44.93
C ASN B 163 12.58 -24.95 46.39
N ALA B 164 13.57 -25.00 47.27
CA ALA B 164 13.32 -25.05 48.70
C ALA B 164 12.72 -23.76 49.24
N LEU B 165 12.78 -22.66 48.49
CA LEU B 165 12.23 -21.39 48.92
C LEU B 165 10.98 -20.97 48.16
N GLY B 166 10.62 -21.67 47.10
CA GLY B 166 9.44 -21.32 46.33
C GLY B 166 9.30 -22.22 45.13
N HIS B 167 8.21 -22.01 44.40
CA HIS B 167 7.94 -22.79 43.19
C HIS B 167 7.10 -21.95 42.24
N ASN B 168 7.67 -21.65 41.07
CA ASN B 168 6.99 -20.89 40.03
C ASN B 168 6.76 -21.77 38.80
N ALA B 169 6.07 -21.21 37.82
CA ALA B 169 5.76 -21.91 36.58
C ALA B 169 5.54 -20.88 35.48
N THR B 170 5.63 -21.34 34.24
CA THR B 170 5.45 -20.48 33.07
C THR B 170 4.76 -21.25 31.97
N ALA B 171 3.77 -20.61 31.35
CA ALA B 171 3.02 -21.19 30.24
C ALA B 171 3.09 -20.24 29.05
N ILE B 172 3.68 -20.71 27.95
CA ILE B 172 3.84 -19.91 26.73
C ILE B 172 3.25 -20.68 25.56
N THR B 173 2.48 -19.99 24.74
CA THR B 173 1.88 -20.57 23.56
C THR B 173 2.49 -19.95 22.30
N PHE B 174 2.40 -20.68 21.20
CA PHE B 174 2.95 -20.26 19.92
C PHE B 174 2.28 -21.06 18.81
N ASP B 175 2.82 -20.96 17.60
CA ASP B 175 2.32 -21.68 16.44
C ASP B 175 3.45 -22.51 15.84
N GLU B 176 3.06 -23.43 14.96
CA GLU B 176 4.01 -24.31 14.29
C GLU B 176 4.61 -23.69 13.04
N PHE B 177 4.40 -22.39 12.81
CA PHE B 177 4.94 -21.70 11.65
C PHE B 177 5.89 -20.56 11.98
N THR B 178 5.81 -19.99 13.18
CA THR B 178 6.69 -18.89 13.56
C THR B 178 8.00 -19.36 14.15
N ILE B 179 8.02 -20.53 14.80
CA ILE B 179 9.25 -21.04 15.41
C ILE B 179 10.14 -21.76 14.42
N VAL B 180 9.78 -21.79 13.15
CA VAL B 180 10.56 -22.48 12.13
C VAL B 180 11.78 -21.62 11.80
N LYS B 181 12.97 -22.13 12.09
CA LYS B 181 14.21 -21.44 11.76
C LYS B 181 15.32 -22.45 11.53
N PRO B 182 15.81 -22.59 10.29
CA PRO B 182 16.83 -23.60 10.01
C PRO B 182 18.20 -23.23 10.58
N ASP B 183 19.19 -24.10 10.36
CA ASP B 183 20.56 -23.91 10.82
C ASP B 183 21.38 -23.19 9.76
N PRO B 184 22.41 -22.44 10.17
CA PRO B 184 23.27 -21.76 9.19
C PRO B 184 24.00 -22.76 8.31
N PRO B 185 24.16 -22.45 7.03
CA PRO B 185 24.85 -23.40 6.12
C PRO B 185 26.33 -23.47 6.41
N GLU B 186 26.92 -24.60 6.06
CA GLU B 186 28.34 -24.85 6.25
C GLU B 186 29.02 -25.06 4.91
N ASN B 187 30.35 -25.12 4.95
CA ASN B 187 31.18 -25.31 3.76
C ASN B 187 30.91 -24.22 2.72
N VAL B 188 31.18 -22.99 3.11
CA VAL B 188 30.99 -21.81 2.25
C VAL B 188 32.36 -21.39 1.74
N VAL B 189 32.61 -21.63 0.46
CA VAL B 189 33.88 -21.30 -0.18
C VAL B 189 33.61 -20.45 -1.41
N ALA B 190 34.65 -19.76 -1.87
CA ALA B 190 34.58 -18.93 -3.05
C ALA B 190 35.78 -19.21 -3.95
N ARG B 191 35.67 -18.80 -5.21
CA ARG B 191 36.73 -19.02 -6.18
C ARG B 191 36.63 -17.97 -7.28
N PRO B 192 37.73 -17.31 -7.63
CA PRO B 192 37.70 -16.32 -8.71
C PRO B 192 37.69 -16.99 -10.08
N VAL B 193 37.52 -16.17 -11.10
CA VAL B 193 37.52 -16.64 -12.49
C VAL B 193 38.76 -16.10 -13.20
N PRO B 194 39.43 -16.90 -14.02
CA PRO B 194 40.63 -16.41 -14.71
C PRO B 194 40.36 -15.49 -15.87
N SER B 195 39.13 -15.49 -16.41
CA SER B 195 38.83 -14.63 -17.56
C SER B 195 38.49 -13.21 -17.12
N ASN B 196 37.45 -13.06 -16.32
CA ASN B 196 37.01 -11.73 -15.88
C ASN B 196 37.76 -11.32 -14.62
N PRO B 197 38.33 -10.11 -14.59
CA PRO B 197 39.04 -9.65 -13.39
C PRO B 197 38.15 -9.01 -12.33
N ARG B 198 36.85 -8.91 -12.57
CA ARG B 198 35.92 -8.28 -11.62
C ARG B 198 34.76 -9.20 -11.26
N ARG B 199 34.91 -10.50 -11.45
CA ARG B 199 33.86 -11.47 -11.17
C ARG B 199 34.35 -12.53 -10.21
N LEU B 200 33.49 -12.93 -9.28
CA LEU B 200 33.80 -13.97 -8.31
C LEU B 200 32.68 -15.00 -8.30
N GLU B 201 33.04 -16.24 -7.99
CA GLU B 201 32.09 -17.35 -7.91
C GLU B 201 31.99 -17.81 -6.47
N VAL B 202 30.77 -17.86 -5.94
CA VAL B 202 30.49 -18.28 -4.58
C VAL B 202 29.66 -19.55 -4.63
N THR B 203 30.14 -20.61 -3.98
CA THR B 203 29.45 -21.89 -3.94
C THR B 203 29.46 -22.41 -2.51
N TRP B 204 28.28 -22.62 -1.95
CA TRP B 204 28.11 -23.11 -0.59
C TRP B 204 27.41 -24.46 -0.60
N GLN B 205 27.14 -24.99 0.58
CA GLN B 205 26.47 -26.27 0.74
C GLN B 205 25.29 -26.12 1.69
N THR B 206 24.34 -27.03 1.56
CA THR B 206 23.14 -27.00 2.39
C THR B 206 23.43 -27.60 3.76
N PRO B 207 22.73 -27.15 4.80
CA PRO B 207 22.95 -27.70 6.14
C PRO B 207 22.57 -29.17 6.20
N SER B 208 23.40 -29.95 6.91
CA SER B 208 23.15 -31.38 7.02
C SER B 208 21.95 -31.69 7.91
N THR B 209 21.73 -30.87 8.95
CA THR B 209 20.59 -31.10 9.83
C THR B 209 19.26 -30.80 9.13
N TRP B 210 19.27 -29.89 8.15
CA TRP B 210 18.06 -29.59 7.41
C TRP B 210 17.75 -30.72 6.46
N PRO B 211 16.46 -31.02 6.23
CA PRO B 211 16.11 -32.10 5.29
C PRO B 211 16.36 -31.70 3.85
N ASP B 212 15.96 -32.56 2.91
CA ASP B 212 16.17 -32.37 1.48
C ASP B 212 15.70 -31.00 1.02
N PRO B 213 16.62 -30.12 0.60
CA PRO B 213 16.22 -28.78 0.16
C PRO B 213 15.50 -28.77 -1.18
N GLU B 214 15.53 -29.87 -1.93
CA GLU B 214 14.83 -29.90 -3.21
C GLU B 214 13.33 -30.03 -3.01
N SER B 215 12.90 -30.80 -2.00
CA SER B 215 11.48 -30.92 -1.71
C SER B 215 10.94 -29.65 -1.07
N PHE B 216 11.65 -29.10 -0.09
CA PHE B 216 11.26 -27.84 0.55
C PHE B 216 12.18 -26.74 0.06
N PRO B 217 11.73 -25.89 -0.88
CA PRO B 217 12.62 -24.86 -1.42
C PRO B 217 13.05 -23.86 -0.35
N LEU B 218 14.33 -23.55 -0.34
CA LEU B 218 14.92 -22.62 0.62
C LEU B 218 15.19 -21.28 -0.05
N LYS B 219 15.51 -20.29 0.78
CA LYS B 219 15.82 -18.94 0.32
C LYS B 219 17.12 -18.49 0.98
N PHE B 220 18.16 -18.30 0.17
CA PHE B 220 19.46 -17.89 0.67
C PHE B 220 19.62 -16.38 0.59
N PHE B 221 20.43 -15.83 1.49
CA PHE B 221 20.69 -14.40 1.56
C PHE B 221 22.20 -14.19 1.58
N LEU B 222 22.77 -13.79 0.45
CA LEU B 222 24.20 -13.59 0.33
C LEU B 222 24.57 -12.14 0.59
N ARG B 223 25.65 -11.93 1.34
CA ARG B 223 26.16 -10.60 1.66
C ARG B 223 27.64 -10.56 1.37
N TYR B 224 28.02 -9.87 0.31
CA TYR B 224 29.43 -9.72 -0.07
C TYR B 224 29.88 -8.29 0.26
N ARG B 225 31.07 -8.18 0.86
CA ARG B 225 31.56 -6.89 1.31
C ARG B 225 33.07 -6.99 1.51
N PRO B 226 33.84 -5.96 1.12
CA PRO B 226 35.29 -6.00 1.37
C PRO B 226 35.64 -6.00 2.85
N LEU B 227 36.93 -6.15 3.15
CA LEU B 227 37.37 -6.25 4.53
C LEU B 227 37.54 -4.90 5.22
N ILE B 228 37.44 -3.80 4.47
CA ILE B 228 37.64 -2.48 5.04
C ILE B 228 36.41 -1.58 4.91
N LEU B 229 35.40 -1.97 4.14
CA LEU B 229 34.24 -1.10 3.95
C LEU B 229 33.36 -1.07 5.18
N ASP B 230 33.17 -2.22 5.84
CA ASP B 230 32.31 -2.35 7.01
C ASP B 230 30.87 -1.96 6.73
N GLN B 231 30.45 -2.02 5.46
CA GLN B 231 29.10 -1.70 5.05
C GLN B 231 28.57 -2.87 4.22
N TRP B 232 27.73 -3.70 4.84
CA TRP B 232 27.22 -4.89 4.16
C TRP B 232 26.21 -4.51 3.09
N GLN B 233 26.20 -5.30 2.01
CA GLN B 233 25.27 -5.12 0.91
C GLN B 233 24.32 -6.32 0.87
N HIS B 234 23.03 -6.04 1.00
CA HIS B 234 22.01 -7.09 1.08
C HIS B 234 21.51 -7.43 -0.32
N VAL B 235 21.66 -8.70 -0.71
CA VAL B 235 21.20 -9.19 -1.99
C VAL B 235 20.40 -10.46 -1.75
N GLU B 236 19.15 -10.48 -2.18
CA GLU B 236 18.27 -11.64 -2.00
C GLU B 236 18.40 -12.57 -3.20
N LEU B 237 18.55 -13.86 -2.93
CA LEU B 237 18.72 -14.87 -3.96
C LEU B 237 17.53 -15.81 -3.98
N SER B 238 17.39 -16.53 -5.09
CA SER B 238 16.34 -17.52 -5.29
C SER B 238 16.88 -18.90 -4.94
N ASP B 239 16.10 -19.93 -5.26
CA ASP B 239 16.51 -21.30 -5.02
C ASP B 239 17.75 -21.64 -5.85
N GLY B 240 18.83 -22.01 -5.16
CA GLY B 240 20.08 -22.34 -5.82
C GLY B 240 21.28 -22.25 -4.91
N THR B 241 22.33 -23.02 -5.21
CA THR B 241 23.54 -23.05 -4.42
C THR B 241 24.72 -22.48 -5.21
N ALA B 242 24.48 -21.43 -5.98
CA ALA B 242 25.53 -20.80 -6.78
C ALA B 242 25.16 -19.34 -7.01
N HIS B 243 26.18 -18.50 -7.08
CA HIS B 243 25.99 -17.07 -7.31
C HIS B 243 27.21 -16.51 -8.04
N THR B 244 26.97 -15.61 -8.97
CA THR B 244 28.02 -14.98 -9.77
C THR B 244 28.09 -13.51 -9.41
N ILE B 245 29.06 -13.14 -8.59
CA ILE B 245 29.22 -11.76 -8.16
C ILE B 245 29.82 -10.95 -9.30
N THR B 246 29.06 -9.98 -9.81
CA THR B 246 29.54 -9.07 -10.84
C THR B 246 29.96 -7.71 -10.30
N ASP B 247 29.89 -7.52 -8.98
CA ASP B 247 30.23 -6.25 -8.34
C ASP B 247 31.56 -6.31 -7.59
N ALA B 248 32.29 -7.43 -7.69
CA ALA B 248 33.52 -7.58 -6.93
C ALA B 248 34.63 -6.70 -7.49
N TYR B 249 35.49 -6.23 -6.60
CA TYR B 249 36.64 -5.42 -6.97
C TYR B 249 37.75 -6.30 -7.53
N ALA B 250 38.69 -5.66 -8.22
CA ALA B 250 39.79 -6.37 -8.87
C ALA B 250 41.08 -6.38 -8.07
N GLY B 251 41.16 -5.60 -6.99
CA GLY B 251 42.39 -5.51 -6.22
C GLY B 251 42.21 -5.67 -4.73
N LYS B 252 41.02 -6.10 -4.30
CA LYS B 252 40.73 -6.28 -2.88
C LYS B 252 39.92 -7.56 -2.69
N GLU B 253 40.07 -8.15 -1.51
CA GLU B 253 39.38 -9.38 -1.18
C GLU B 253 37.99 -9.10 -0.62
N TYR B 254 37.20 -10.15 -0.46
CA TYR B 254 35.82 -10.05 0.01
C TYR B 254 35.54 -11.13 1.04
N ILE B 255 34.46 -10.93 1.79
CA ILE B 255 33.95 -11.91 2.73
C ILE B 255 32.48 -12.16 2.42
N ILE B 256 32.07 -13.42 2.46
CA ILE B 256 30.72 -13.83 2.10
C ILE B 256 30.09 -14.51 3.30
N GLN B 257 28.88 -14.06 3.66
CA GLN B 257 28.12 -14.63 4.77
C GLN B 257 26.71 -14.93 4.26
N VAL B 258 26.36 -16.21 4.16
CA VAL B 258 25.07 -16.62 3.66
C VAL B 258 24.27 -17.25 4.80
N ALA B 259 22.95 -17.14 4.70
CA ALA B 259 22.03 -17.67 5.70
C ALA B 259 21.11 -18.72 5.05
N ALA B 260 20.15 -19.19 5.82
CA ALA B 260 19.20 -20.19 5.35
C ALA B 260 17.80 -19.84 5.85
N LYS B 261 16.80 -20.07 5.00
CA LYS B 261 15.42 -19.77 5.34
C LYS B 261 14.51 -20.48 4.35
N ASP B 262 13.36 -20.93 4.86
CA ASP B 262 12.37 -21.59 4.01
C ASP B 262 11.78 -20.59 3.01
N ASN B 263 10.91 -21.09 2.14
CA ASN B 263 10.35 -20.26 1.08
C ASN B 263 9.40 -19.20 1.65
N GLU B 264 8.42 -19.64 2.44
CA GLU B 264 7.41 -18.71 2.96
C GLU B 264 7.07 -18.92 4.42
N ILE B 265 7.73 -19.83 5.13
CA ILE B 265 7.44 -20.12 6.52
C ILE B 265 8.70 -19.90 7.35
N GLY B 266 8.58 -19.11 8.41
CA GLY B 266 9.69 -18.87 9.31
C GLY B 266 10.39 -17.56 9.04
N THR B 267 11.49 -17.36 9.76
CA THR B 267 12.31 -16.16 9.67
C THR B 267 13.72 -16.53 9.22
N TRP B 268 14.59 -15.53 9.18
CA TRP B 268 15.97 -15.74 8.75
C TRP B 268 16.80 -16.34 9.87
N SER B 269 17.83 -17.09 9.48
CA SER B 269 18.74 -17.73 10.42
C SER B 269 20.04 -16.93 10.51
N ASP B 270 21.01 -17.48 11.23
CA ASP B 270 22.31 -16.82 11.38
C ASP B 270 23.12 -16.94 10.10
N TRP B 271 24.20 -16.16 10.04
CA TRP B 271 25.06 -16.13 8.87
C TRP B 271 26.10 -17.25 8.95
N SER B 272 27.00 -17.28 7.97
CA SER B 272 28.04 -18.29 7.90
C SER B 272 29.17 -17.94 8.87
N VAL B 273 30.20 -18.78 8.90
CA VAL B 273 31.32 -18.57 9.80
C VAL B 273 32.27 -17.51 9.25
N ALA B 274 32.79 -17.72 8.05
CA ALA B 274 33.73 -16.78 7.43
C ALA B 274 33.91 -17.18 5.97
N ALA B 275 34.58 -16.31 5.22
CA ALA B 275 34.88 -16.56 3.82
C ALA B 275 35.99 -15.61 3.38
N HIS B 276 36.89 -16.10 2.54
CA HIS B 276 38.01 -15.30 2.06
C HIS B 276 38.38 -15.74 0.66
N ALA B 277 38.53 -14.79 -0.24
CA ALA B 277 38.91 -15.07 -1.62
C ALA B 277 39.44 -13.79 -2.26
N THR B 278 40.44 -13.95 -3.13
CA THR B 278 41.05 -12.83 -3.82
C THR B 278 40.74 -12.89 -5.31
N PRO B 279 40.56 -11.76 -5.98
CA PRO B 279 40.28 -11.79 -7.42
C PRO B 279 41.54 -12.12 -8.22
N TRP B 280 41.32 -12.48 -9.48
CA TRP B 280 42.43 -12.81 -10.36
C TRP B 280 43.15 -11.54 -10.81
N THR B 281 44.48 -11.62 -10.85
CA THR B 281 45.31 -10.48 -11.25
C THR B 281 46.42 -10.98 -12.14
N GLU B 282 46.55 -10.37 -13.32
CA GLU B 282 47.58 -10.78 -14.27
C GLU B 282 48.91 -10.12 -13.94
N GLU B 283 49.99 -10.86 -14.12
CA GLU B 283 51.33 -10.36 -13.84
C GLU B 283 52.38 -11.10 -14.67
N VAL C 88 -62.04 0.48 67.32
CA VAL C 88 -61.89 -0.67 66.43
C VAL C 88 -60.89 -0.35 65.33
N SER C 89 -60.29 -1.40 64.76
CA SER C 89 -59.30 -1.27 63.70
C SER C 89 -59.77 -2.07 62.50
N LEU C 90 -59.89 -1.40 61.35
CA LEU C 90 -60.32 -2.04 60.12
C LEU C 90 -59.10 -2.38 59.28
N ILE C 91 -59.05 -3.62 58.80
CA ILE C 91 -57.96 -4.08 57.94
C ILE C 91 -58.54 -4.52 56.60
N PRO C 92 -57.87 -4.24 55.49
CA PRO C 92 -58.38 -4.67 54.19
C PRO C 92 -58.21 -6.17 53.98
N ASP C 93 -59.02 -6.70 53.07
CA ASP C 93 -58.94 -8.11 52.73
C ASP C 93 -57.66 -8.41 51.97
N THR C 94 -57.10 -9.59 52.21
CA THR C 94 -55.86 -9.99 51.55
C THR C 94 -56.10 -10.13 50.05
N PRO C 95 -55.43 -9.35 49.21
CA PRO C 95 -55.64 -9.47 47.77
C PRO C 95 -55.05 -10.76 47.22
N GLU C 96 -55.53 -11.14 46.03
CA GLU C 96 -55.09 -12.34 45.36
C GLU C 96 -54.67 -12.00 43.94
N ILE C 97 -53.52 -12.53 43.52
CA ILE C 97 -53.00 -12.28 42.18
C ILE C 97 -53.81 -13.11 41.18
N LEU C 98 -54.43 -12.45 40.22
CA LEU C 98 -55.26 -13.15 39.25
C LEU C 98 -54.39 -13.92 38.25
N ASN C 99 -53.54 -13.22 37.52
CA ASN C 99 -52.68 -13.86 36.53
C ASN C 99 -51.48 -12.96 36.27
N LEU C 100 -50.31 -13.59 36.12
CA LEU C 100 -49.08 -12.87 35.85
C LEU C 100 -48.38 -13.50 34.66
N SER C 101 -47.68 -12.66 33.88
CA SER C 101 -46.97 -13.10 32.70
C SER C 101 -45.94 -12.03 32.34
N ALA C 102 -45.20 -12.28 31.26
CA ALA C 102 -44.19 -11.35 30.79
C ALA C 102 -43.79 -11.73 29.37
N ASP C 103 -43.14 -10.80 28.69
CA ASP C 103 -42.64 -11.01 27.33
C ASP C 103 -41.12 -11.13 27.39
N PHE C 104 -40.60 -12.26 26.92
CA PHE C 104 -39.17 -12.49 26.93
C PHE C 104 -38.43 -11.73 25.83
N SER C 105 -39.15 -11.15 24.88
CA SER C 105 -38.50 -10.42 23.80
C SER C 105 -38.09 -9.02 24.24
N THR C 106 -39.00 -8.28 24.87
CA THR C 106 -38.74 -6.92 25.31
C THR C 106 -38.42 -6.83 26.80
N SER C 107 -38.49 -7.95 27.53
CA SER C 107 -38.19 -8.00 28.97
C SER C 107 -39.04 -7.00 29.74
N THR C 108 -40.36 -7.20 29.67
CA THR C 108 -41.32 -6.36 30.36
C THR C 108 -42.27 -7.24 31.16
N LEU C 109 -42.46 -6.90 32.43
CA LEU C 109 -43.32 -7.69 33.31
C LEU C 109 -44.77 -7.24 33.19
N TYR C 110 -45.68 -8.21 33.22
CA TYR C 110 -47.11 -7.96 33.18
C TYR C 110 -47.74 -8.46 34.48
N LEU C 111 -48.56 -7.61 35.10
CA LEU C 111 -49.21 -7.94 36.35
C LEU C 111 -50.59 -7.32 36.38
N LYS C 112 -51.59 -8.11 36.78
CA LYS C 112 -52.97 -7.63 36.86
C LYS C 112 -53.66 -8.30 38.04
N TRP C 113 -54.58 -7.56 38.65
CA TRP C 113 -55.33 -8.08 39.78
C TRP C 113 -56.65 -7.34 39.87
N ASN C 114 -57.64 -8.00 40.48
CA ASN C 114 -58.98 -7.46 40.63
C ASN C 114 -59.26 -7.25 42.11
N ASP C 115 -59.43 -6.00 42.52
CA ASP C 115 -59.72 -5.68 43.91
C ASP C 115 -61.15 -6.03 44.26
N ARG C 116 -61.35 -6.56 45.47
CA ARG C 116 -62.68 -6.94 45.95
C ARG C 116 -63.39 -5.69 46.46
N GLY C 117 -63.89 -4.89 45.51
CA GLY C 117 -64.59 -3.67 45.83
C GLY C 117 -66.09 -3.78 45.93
N SER C 118 -66.65 -4.96 45.62
CA SER C 118 -68.10 -5.13 45.70
C SER C 118 -68.61 -5.15 47.14
N VAL C 119 -67.75 -5.51 48.11
CA VAL C 119 -68.16 -5.56 49.50
C VAL C 119 -68.05 -4.21 50.20
N PHE C 120 -67.60 -3.18 49.49
CA PHE C 120 -67.46 -1.84 50.06
C PHE C 120 -68.21 -0.84 49.17
N PRO C 121 -69.34 -0.31 49.63
CA PRO C 121 -70.12 0.61 48.78
C PRO C 121 -69.53 2.01 48.72
N HIS C 122 -68.79 2.40 49.76
CA HIS C 122 -68.21 3.73 49.82
C HIS C 122 -67.00 3.83 48.90
N ARG C 123 -66.73 5.06 48.43
CA ARG C 123 -65.61 5.32 47.54
C ARG C 123 -64.35 5.69 48.33
N SER C 124 -63.95 4.82 49.25
CA SER C 124 -62.76 5.07 50.06
C SER C 124 -61.50 4.94 49.20
N ASN C 125 -60.57 5.88 49.40
CA ASN C 125 -59.33 5.87 48.64
C ASN C 125 -58.47 4.68 49.07
N VAL C 126 -58.05 3.89 48.09
CA VAL C 126 -57.23 2.71 48.31
C VAL C 126 -55.84 2.97 47.75
N ILE C 127 -54.81 2.73 48.56
CA ILE C 127 -53.43 2.96 48.17
C ILE C 127 -52.80 1.62 47.84
N TRP C 128 -52.54 1.37 46.57
CA TRP C 128 -51.93 0.12 46.11
C TRP C 128 -50.45 0.37 45.83
N GLU C 129 -49.59 -0.47 46.40
CA GLU C 129 -48.16 -0.40 46.18
C GLU C 129 -47.64 -1.75 45.71
N ILE C 130 -46.66 -1.71 44.81
CA ILE C 130 -46.07 -2.92 44.24
C ILE C 130 -44.59 -2.93 44.59
N LYS C 131 -44.07 -4.13 44.87
CA LYS C 131 -42.65 -4.31 45.16
C LYS C 131 -42.12 -5.46 44.31
N VAL C 132 -40.88 -5.29 43.83
CA VAL C 132 -40.20 -6.30 43.03
C VAL C 132 -39.02 -6.82 43.84
N LEU C 133 -38.86 -8.15 43.85
CA LEU C 133 -37.80 -8.79 44.60
C LEU C 133 -37.25 -9.95 43.79
N ARG C 134 -35.93 -10.05 43.73
CA ARG C 134 -35.25 -11.12 43.01
C ARG C 134 -34.11 -11.65 43.86
N LYS C 135 -33.63 -12.83 43.50
CA LYS C 135 -32.53 -13.53 44.17
C LYS C 135 -32.61 -13.37 45.69
N GLU C 136 -33.71 -13.90 46.24
CA GLU C 136 -33.97 -13.92 47.69
C GLU C 136 -34.11 -12.51 48.27
N SER C 137 -35.13 -11.80 47.75
CA SER C 137 -35.66 -10.56 48.35
C SER C 137 -34.57 -9.49 48.50
N MET C 138 -34.10 -9.01 47.34
CA MET C 138 -33.18 -7.88 47.33
C MET C 138 -33.91 -6.54 47.48
N GLU C 139 -35.18 -6.47 47.10
CA GLU C 139 -35.98 -5.24 47.19
C GLU C 139 -35.32 -4.12 46.38
N LEU C 140 -35.29 -4.34 45.07
CA LEU C 140 -34.61 -3.42 44.16
C LEU C 140 -35.26 -2.03 44.18
N VAL C 141 -36.52 -1.94 43.75
CA VAL C 141 -37.19 -0.66 43.57
C VAL C 141 -38.65 -0.82 44.00
N LYS C 142 -39.15 0.18 44.72
CA LYS C 142 -40.55 0.24 45.13
C LYS C 142 -41.33 1.15 44.19
N LEU C 143 -42.66 0.96 44.18
CA LEU C 143 -43.56 1.76 43.37
C LEU C 143 -44.95 1.74 43.98
N VAL C 144 -45.57 2.91 44.07
CA VAL C 144 -46.89 3.07 44.65
C VAL C 144 -47.81 3.67 43.59
N THR C 145 -49.02 3.13 43.48
CA THR C 145 -50.02 3.60 42.53
C THR C 145 -51.30 3.93 43.28
N HIS C 146 -51.70 5.20 43.25
CA HIS C 146 -52.89 5.65 43.94
C HIS C 146 -54.08 5.61 42.99
N ASN C 147 -55.19 5.05 43.47
CA ASN C 147 -56.41 4.95 42.68
C ASN C 147 -57.61 4.91 43.64
N THR C 148 -58.80 4.74 43.06
CA THR C 148 -60.02 4.67 43.82
C THR C 148 -60.97 3.69 43.16
N THR C 149 -61.72 2.94 43.98
CA THR C 149 -62.67 1.98 43.45
C THR C 149 -63.81 2.68 42.73
N LEU C 150 -64.47 1.93 41.84
CA LEU C 150 -65.57 2.44 41.04
C LEU C 150 -66.88 2.02 41.69
N ASN C 151 -67.50 2.95 42.42
CA ASN C 151 -68.83 2.87 43.02
C ASN C 151 -69.21 1.46 43.49
N GLY C 152 -68.29 0.80 44.20
CA GLY C 152 -68.54 -0.54 44.71
C GLY C 152 -68.61 -1.60 43.63
N LYS C 153 -67.68 -1.59 42.68
CA LYS C 153 -67.64 -2.58 41.61
C LYS C 153 -66.20 -3.00 41.37
N ASP C 154 -66.01 -4.28 41.08
CA ASP C 154 -64.69 -4.83 40.81
C ASP C 154 -64.29 -4.53 39.37
N THR C 155 -63.23 -3.73 39.19
CA THR C 155 -62.75 -3.34 37.88
C THR C 155 -61.35 -3.91 37.69
N LEU C 156 -61.18 -4.68 36.62
CA LEU C 156 -59.88 -5.28 36.30
C LEU C 156 -59.02 -4.27 35.54
N HIS C 157 -57.79 -4.07 36.02
CA HIS C 157 -56.86 -3.15 35.40
C HIS C 157 -55.49 -3.81 35.27
N HIS C 158 -54.74 -3.38 34.27
CA HIS C 158 -53.42 -3.94 33.98
C HIS C 158 -52.34 -2.96 34.36
N TRP C 159 -51.23 -3.48 34.90
CA TRP C 159 -50.08 -2.68 35.27
C TRP C 159 -48.82 -3.33 34.70
N SER C 160 -47.96 -2.52 34.11
CA SER C 160 -46.74 -2.99 33.47
C SER C 160 -45.52 -2.32 34.07
N TRP C 161 -44.37 -2.93 33.87
CA TRP C 161 -43.10 -2.41 34.38
C TRP C 161 -41.96 -3.05 33.59
N ALA C 162 -40.99 -2.23 33.22
CA ALA C 162 -39.83 -2.68 32.46
C ALA C 162 -38.63 -2.81 33.39
N SER C 163 -38.07 -4.02 33.46
CA SER C 163 -36.93 -4.26 34.32
C SER C 163 -35.63 -3.91 33.61
N ASP C 164 -34.60 -3.60 34.40
CA ASP C 164 -33.29 -3.25 33.86
C ASP C 164 -32.50 -4.47 33.40
N MET C 165 -32.90 -5.67 33.80
CA MET C 165 -32.22 -6.89 33.42
C MET C 165 -33.18 -7.83 32.70
N PRO C 166 -32.67 -8.68 31.80
CA PRO C 166 -33.54 -9.63 31.12
C PRO C 166 -34.17 -10.61 32.09
N LEU C 167 -35.33 -11.16 31.69
CA LEU C 167 -36.05 -12.08 32.56
C LEU C 167 -35.32 -13.41 32.71
N GLU C 168 -34.48 -13.77 31.74
CA GLU C 168 -33.73 -15.02 31.79
C GLU C 168 -32.48 -14.92 32.66
N CYS C 169 -32.32 -13.84 33.42
CA CYS C 169 -31.15 -13.66 34.28
C CYS C 169 -31.37 -14.25 35.67
N ALA C 170 -32.55 -14.06 36.24
CA ALA C 170 -32.85 -14.56 37.57
C ALA C 170 -34.37 -14.66 37.73
N ILE C 171 -34.79 -15.29 38.83
CA ILE C 171 -36.20 -15.45 39.13
C ILE C 171 -36.73 -14.15 39.75
N HIS C 172 -38.03 -13.92 39.58
CA HIS C 172 -38.67 -12.72 40.10
C HIS C 172 -39.99 -13.08 40.76
N PHE C 173 -40.20 -12.55 41.96
CA PHE C 173 -41.45 -12.72 42.68
C PHE C 173 -42.23 -11.41 42.70
N VAL C 174 -43.55 -11.51 42.75
CA VAL C 174 -44.42 -10.35 42.80
C VAL C 174 -45.39 -10.49 43.96
N GLU C 175 -45.59 -9.40 44.71
CA GLU C 175 -46.51 -9.35 45.83
C GLU C 175 -47.30 -8.05 45.76
N ILE C 176 -48.57 -8.11 46.16
CA ILE C 176 -49.44 -6.94 46.14
C ILE C 176 -50.12 -6.79 47.49
N ARG C 177 -50.35 -5.54 47.87
CA ARG C 177 -51.09 -5.21 49.07
C ARG C 177 -51.66 -3.81 48.92
N CYS C 178 -52.68 -3.51 49.73
CA CYS C 178 -53.40 -2.26 49.63
C CYS C 178 -53.56 -1.62 51.00
N TYR C 179 -54.01 -0.37 51.00
CA TYR C 179 -54.25 0.38 52.23
C TYR C 179 -55.48 1.25 52.02
N ILE C 180 -56.59 0.88 52.65
CA ILE C 180 -57.84 1.62 52.49
C ILE C 180 -57.79 2.87 53.36
N ASP C 181 -58.43 3.94 52.88
CA ASP C 181 -58.49 5.21 53.59
C ASP C 181 -59.91 5.72 53.55
N ASN C 182 -60.60 5.66 54.69
CA ASN C 182 -61.97 6.11 54.80
C ASN C 182 -62.02 7.50 55.43
N LEU C 183 -62.97 8.32 54.97
CA LEU C 183 -63.10 9.68 55.45
C LEU C 183 -63.94 9.77 56.72
N HIS C 184 -65.01 8.99 56.81
CA HIS C 184 -65.92 9.03 57.95
C HIS C 184 -65.58 7.99 59.01
N PHE C 185 -64.32 7.60 59.13
CA PHE C 185 -63.87 6.64 60.13
C PHE C 185 -62.71 7.23 60.91
N SER C 186 -62.79 7.16 62.25
CA SER C 186 -61.76 7.70 63.12
C SER C 186 -60.87 6.61 63.71
N GLY C 187 -61.14 5.35 63.42
CA GLY C 187 -60.34 4.26 63.94
C GLY C 187 -58.97 4.16 63.28
N LEU C 188 -58.25 3.11 63.65
CA LEU C 188 -56.91 2.87 63.13
C LEU C 188 -57.02 2.06 61.83
N GLU C 189 -56.39 2.58 60.78
CA GLU C 189 -56.37 1.92 59.48
C GLU C 189 -54.99 1.32 59.26
N GLU C 190 -54.91 0.00 59.29
CA GLU C 190 -53.64 -0.73 59.15
C GLU C 190 -53.59 -1.39 57.79
N TRP C 191 -52.38 -1.47 57.23
CA TRP C 191 -52.18 -1.98 55.88
C TRP C 191 -52.63 -3.43 55.78
N SER C 192 -52.89 -3.85 54.54
CA SER C 192 -53.32 -5.21 54.28
C SER C 192 -52.15 -6.19 54.35
N ASP C 193 -52.47 -7.47 54.42
CA ASP C 193 -51.45 -8.51 54.49
C ASP C 193 -50.95 -8.84 53.09
N TRP C 194 -49.70 -9.26 53.00
CA TRP C 194 -49.09 -9.55 51.72
C TRP C 194 -49.70 -10.80 51.10
N SER C 195 -49.91 -10.75 49.79
CA SER C 195 -50.46 -11.89 49.07
C SER C 195 -49.44 -13.03 49.02
N PRO C 196 -49.89 -14.26 48.77
CA PRO C 196 -48.94 -15.37 48.62
C PRO C 196 -47.99 -15.13 47.46
N VAL C 197 -46.85 -15.82 47.51
CA VAL C 197 -45.79 -15.59 46.54
C VAL C 197 -46.21 -16.11 45.17
N LYS C 198 -45.82 -15.38 44.13
CA LYS C 198 -46.09 -15.77 42.75
C LYS C 198 -44.84 -15.49 41.92
N ASN C 199 -44.30 -16.52 41.30
CA ASN C 199 -43.06 -16.41 40.53
C ASN C 199 -43.21 -17.13 39.21
N ILE C 200 -42.35 -16.74 38.26
CA ILE C 200 -42.27 -17.37 36.95
C ILE C 200 -40.83 -17.77 36.69
N SER C 201 -40.64 -18.92 36.04
CA SER C 201 -39.32 -19.45 35.76
C SER C 201 -39.16 -19.64 34.26
N TRP C 202 -38.07 -19.12 33.71
CA TRP C 202 -37.79 -19.25 32.27
C TRP C 202 -37.24 -20.65 32.01
N ILE C 203 -38.01 -21.45 31.29
CA ILE C 203 -37.59 -22.81 30.95
C ILE C 203 -36.63 -22.73 29.76
N PRO C 204 -35.43 -23.33 29.86
CA PRO C 204 -34.49 -23.26 28.74
C PRO C 204 -35.00 -24.00 27.50
N ASP C 205 -35.25 -23.25 26.43
CA ASP C 205 -35.74 -23.82 25.18
C ASP C 205 -34.74 -23.72 24.04
N SER C 206 -33.85 -22.74 24.07
CA SER C 206 -32.83 -22.56 23.05
C SER C 206 -31.45 -22.61 23.68
N GLN C 207 -30.43 -22.75 22.82
CA GLN C 207 -29.05 -22.82 23.26
C GLN C 207 -28.43 -21.46 23.52
N THR C 208 -29.22 -20.39 23.49
CA THR C 208 -28.68 -19.06 23.76
C THR C 208 -28.39 -18.91 25.25
N LYS C 209 -27.16 -18.51 25.58
CA LYS C 209 -26.74 -18.36 26.95
C LYS C 209 -26.42 -16.93 27.35
N VAL C 210 -26.40 -15.99 26.41
CA VAL C 210 -26.10 -14.59 26.69
C VAL C 210 -27.29 -13.75 26.27
N PHE C 211 -27.73 -12.86 27.16
CA PHE C 211 -28.87 -12.01 26.92
C PHE C 211 -28.48 -10.54 27.11
N PRO C 212 -29.02 -9.63 26.28
CA PRO C 212 -29.98 -9.92 25.21
C PRO C 212 -29.32 -10.30 23.89
N GLN C 213 -30.12 -10.42 22.83
CA GLN C 213 -29.63 -10.82 21.51
C GLN C 213 -29.92 -9.68 20.54
N ASP C 214 -28.85 -8.95 20.17
CA ASP C 214 -28.92 -7.87 19.18
C ASP C 214 -29.94 -6.80 19.60
N LYS C 215 -29.65 -6.16 20.73
CA LYS C 215 -30.49 -5.09 21.26
C LYS C 215 -29.88 -3.74 20.90
N VAL C 216 -30.71 -2.83 20.40
CA VAL C 216 -30.28 -1.50 20.00
C VAL C 216 -30.95 -0.49 20.92
N ILE C 217 -30.13 0.32 21.60
CA ILE C 217 -30.60 1.32 22.53
C ILE C 217 -29.91 2.64 22.20
N LEU C 218 -30.25 3.68 22.97
CA LEU C 218 -29.66 4.99 22.79
C LEU C 218 -28.27 5.04 23.41
N VAL C 219 -27.40 5.86 22.83
CA VAL C 219 -26.00 5.90 23.25
C VAL C 219 -25.91 6.42 24.68
N GLY C 220 -24.99 5.85 25.46
CA GLY C 220 -24.80 6.22 26.84
C GLY C 220 -25.76 5.61 27.82
N SER C 221 -26.79 4.91 27.35
CA SER C 221 -27.76 4.29 28.25
C SER C 221 -27.12 3.13 29.00
N ASP C 222 -27.66 2.85 30.18
CA ASP C 222 -27.14 1.78 31.05
C ASP C 222 -27.84 0.47 30.71
N ILE C 223 -27.05 -0.52 30.32
CA ILE C 223 -27.56 -1.86 29.99
C ILE C 223 -26.66 -2.89 30.65
N THR C 224 -27.27 -3.94 31.20
CA THR C 224 -26.56 -5.00 31.90
C THR C 224 -26.75 -6.32 31.15
N PHE C 225 -25.66 -7.07 31.03
CA PHE C 225 -25.67 -8.35 30.35
C PHE C 225 -25.68 -9.49 31.37
N CYS C 226 -26.23 -10.63 30.95
CA CYS C 226 -26.28 -11.83 31.78
C CYS C 226 -25.84 -13.03 30.96
N CYS C 227 -25.01 -13.88 31.57
CA CYS C 227 -24.49 -15.08 30.91
C CYS C 227 -24.84 -16.29 31.79
N VAL C 228 -25.87 -17.01 31.39
CA VAL C 228 -26.31 -18.19 32.14
C VAL C 228 -25.48 -19.39 31.71
N SER C 229 -25.01 -20.18 32.67
CA SER C 229 -24.20 -21.35 32.39
C SER C 229 -24.22 -22.25 33.61
N GLN C 230 -23.60 -23.43 33.46
CA GLN C 230 -23.53 -24.41 34.54
C GLN C 230 -22.14 -24.51 35.15
N GLU C 231 -21.12 -23.94 34.51
CA GLU C 231 -19.76 -23.97 35.01
C GLU C 231 -19.32 -22.56 35.40
N LYS C 232 -18.08 -22.46 35.90
CA LYS C 232 -17.52 -21.19 36.31
C LYS C 232 -16.87 -20.47 35.14
N VAL C 233 -16.91 -19.14 35.20
CA VAL C 233 -16.30 -18.30 34.17
C VAL C 233 -15.08 -17.59 34.77
N LEU C 234 -14.27 -17.00 33.91
CA LEU C 234 -13.05 -16.32 34.34
C LEU C 234 -13.29 -14.82 34.53
N SER C 235 -13.71 -14.13 33.47
CA SER C 235 -13.93 -12.69 33.53
C SER C 235 -14.86 -12.29 32.39
N ALA C 236 -15.18 -11.00 32.32
CA ALA C 236 -16.04 -10.47 31.28
C ALA C 236 -15.60 -9.06 30.94
N LEU C 237 -15.72 -8.71 29.67
CA LEU C 237 -15.30 -7.40 29.18
C LEU C 237 -15.88 -7.20 27.79
N ILE C 238 -15.83 -5.95 27.32
CA ILE C 238 -16.24 -5.63 25.96
C ILE C 238 -15.01 -5.60 25.05
N GLY C 239 -14.09 -4.69 25.31
CA GLY C 239 -12.81 -4.71 24.63
C GLY C 239 -11.68 -4.17 25.48
N HIS C 240 -10.65 -4.99 25.70
CA HIS C 240 -9.44 -4.63 26.46
C HIS C 240 -9.76 -3.76 27.68
N THR C 241 -10.76 -4.18 28.44
CA THR C 241 -11.20 -3.42 29.61
C THR C 241 -11.16 -4.22 30.90
N ASN C 242 -11.57 -5.49 30.87
CA ASN C 242 -11.63 -6.36 32.04
C ASN C 242 -12.45 -5.71 33.15
N CYS C 243 -13.73 -5.49 32.85
CA CYS C 243 -14.64 -4.89 33.82
C CYS C 243 -14.93 -5.85 34.96
N PRO C 244 -15.23 -5.32 36.15
CA PRO C 244 -15.56 -6.21 37.28
C PRO C 244 -16.81 -7.01 37.02
N LEU C 245 -16.91 -8.16 37.69
CA LEU C 245 -18.02 -9.08 37.53
C LEU C 245 -18.82 -9.17 38.82
N ILE C 246 -20.10 -9.48 38.68
CA ILE C 246 -21.01 -9.63 39.81
C ILE C 246 -21.66 -11.00 39.71
N HIS C 247 -21.56 -11.79 40.77
CA HIS C 247 -22.11 -13.13 40.78
C HIS C 247 -23.59 -13.12 41.15
N LEU C 248 -24.29 -14.17 40.74
CA LEU C 248 -25.71 -14.35 41.03
C LEU C 248 -25.88 -15.60 41.89
N ASP C 249 -27.15 -15.97 42.12
CA ASP C 249 -27.46 -17.11 42.98
C ASP C 249 -26.90 -18.41 42.42
N GLY C 250 -27.42 -18.86 41.26
CA GLY C 250 -26.95 -20.10 40.69
C GLY C 250 -26.13 -19.95 39.42
N GLU C 251 -24.81 -20.09 39.55
CA GLU C 251 -23.88 -20.15 38.42
C GLU C 251 -24.15 -19.11 37.34
N ASN C 252 -24.47 -17.88 37.74
CA ASN C 252 -24.75 -16.81 36.80
C ASN C 252 -23.93 -15.58 37.16
N VAL C 253 -23.45 -14.87 36.14
CA VAL C 253 -22.64 -13.68 36.31
C VAL C 253 -23.25 -12.54 35.49
N ALA C 254 -23.30 -11.35 36.08
CA ALA C 254 -23.81 -10.17 35.41
C ALA C 254 -22.81 -9.03 35.55
N ILE C 255 -22.79 -8.15 34.56
CA ILE C 255 -21.89 -7.01 34.55
C ILE C 255 -22.70 -5.73 34.51
N LYS C 256 -22.14 -4.66 35.08
CA LYS C 256 -22.77 -3.36 35.13
C LYS C 256 -21.96 -2.39 34.27
N ILE C 257 -22.52 -1.97 33.15
CA ILE C 257 -21.88 -1.05 32.22
C ILE C 257 -22.67 0.26 32.23
N ARG C 258 -21.95 1.38 32.32
CA ARG C 258 -22.55 2.70 32.36
C ARG C 258 -21.90 3.60 31.33
N ASN C 259 -22.73 4.41 30.65
CA ASN C 259 -22.26 5.37 29.66
C ASN C 259 -21.47 4.69 28.54
N ILE C 260 -22.17 3.84 27.79
CA ILE C 260 -21.56 3.17 26.65
C ILE C 260 -21.20 4.21 25.59
N SER C 261 -20.09 3.97 24.90
CA SER C 261 -19.60 4.88 23.88
C SER C 261 -20.25 4.57 22.54
N VAL C 262 -19.90 5.36 21.52
CA VAL C 262 -20.45 5.15 20.19
C VAL C 262 -19.86 3.89 19.57
N SER C 263 -20.57 3.35 18.59
CA SER C 263 -20.16 2.13 17.90
C SER C 263 -19.77 2.45 16.45
N ALA C 264 -18.95 1.56 15.89
CA ALA C 264 -18.51 1.69 14.51
C ALA C 264 -19.58 1.10 13.58
N SER C 265 -19.21 0.90 12.31
CA SER C 265 -20.14 0.28 11.37
C SER C 265 -20.57 -1.11 11.83
N SER C 266 -19.69 -1.83 12.52
CA SER C 266 -20.02 -3.12 13.11
C SER C 266 -20.30 -2.93 14.60
N GLY C 267 -21.29 -3.67 15.09
CA GLY C 267 -21.66 -3.54 16.49
C GLY C 267 -20.57 -4.05 17.42
N THR C 268 -20.48 -3.40 18.58
CA THR C 268 -19.50 -3.80 19.58
C THR C 268 -19.85 -5.18 20.15
N ASN C 269 -18.82 -5.96 20.46
CA ASN C 269 -18.98 -7.32 20.93
C ASN C 269 -18.56 -7.43 22.39
N VAL C 270 -19.38 -8.12 23.17
CA VAL C 270 -19.08 -8.44 24.57
C VAL C 270 -18.96 -9.95 24.68
N VAL C 271 -18.02 -10.41 25.52
CA VAL C 271 -17.75 -11.84 25.68
C VAL C 271 -17.60 -12.16 27.15
N PHE C 272 -17.81 -13.44 27.47
CA PHE C 272 -17.64 -13.97 28.82
C PHE C 272 -16.62 -15.10 28.75
N THR C 273 -15.42 -14.83 29.25
CA THR C 273 -14.32 -15.80 29.18
C THR C 273 -14.59 -16.95 30.15
N THR C 274 -14.78 -18.15 29.60
CA THR C 274 -14.99 -19.35 30.39
C THR C 274 -13.66 -20.12 30.48
N GLU C 275 -13.71 -21.28 31.13
CA GLU C 275 -12.49 -22.07 31.32
C GLU C 275 -12.03 -22.69 30.01
N ASP C 276 -12.95 -23.34 29.28
CA ASP C 276 -12.61 -24.02 28.04
C ASP C 276 -13.43 -23.56 26.85
N ASN C 277 -14.33 -22.59 27.02
CA ASN C 277 -15.17 -22.10 25.94
C ASN C 277 -15.29 -20.59 26.08
N ILE C 278 -16.14 -19.99 25.25
CA ILE C 278 -16.38 -18.55 25.28
C ILE C 278 -17.73 -18.28 24.63
N PHE C 279 -18.53 -17.45 25.29
CA PHE C 279 -19.85 -17.06 24.80
C PHE C 279 -19.92 -15.55 24.71
N GLY C 280 -20.60 -15.05 23.68
CA GLY C 280 -20.71 -13.62 23.49
C GLY C 280 -21.80 -13.27 22.50
N THR C 281 -22.24 -12.01 22.58
CA THR C 281 -23.26 -11.49 21.68
C THR C 281 -22.81 -10.16 21.09
N VAL C 282 -23.68 -9.51 20.31
CA VAL C 282 -23.38 -8.23 19.67
C VAL C 282 -24.45 -7.23 20.07
N ILE C 283 -24.02 -6.02 20.44
CA ILE C 283 -24.91 -4.92 20.79
C ILE C 283 -24.61 -3.74 19.88
N PHE C 284 -25.66 -3.00 19.51
CA PHE C 284 -25.54 -1.85 18.63
C PHE C 284 -25.93 -0.59 19.38
N ALA C 285 -25.15 0.47 19.20
CA ALA C 285 -25.40 1.76 19.84
C ALA C 285 -25.28 2.84 18.77
N GLY C 286 -26.41 3.44 18.41
CA GLY C 286 -26.45 4.46 17.39
C GLY C 286 -27.27 5.66 17.82
N TYR C 287 -27.33 6.65 16.92
CA TYR C 287 -28.05 7.90 17.14
C TYR C 287 -29.37 7.90 16.39
N PRO C 288 -30.39 8.60 16.90
CA PRO C 288 -31.67 8.69 16.19
C PRO C 288 -31.50 9.41 14.86
N PRO C 289 -32.38 9.15 13.89
CA PRO C 289 -32.24 9.81 12.59
C PRO C 289 -32.51 11.31 12.70
N ASP C 290 -31.58 12.09 12.16
CA ASP C 290 -31.71 13.54 12.20
C ASP C 290 -32.76 14.02 11.20
N THR C 291 -33.17 15.27 11.37
CA THR C 291 -34.17 15.85 10.48
C THR C 291 -33.55 16.09 9.10
N PRO C 292 -34.15 15.60 8.02
CA PRO C 292 -33.60 15.83 6.68
C PRO C 292 -33.73 17.29 6.27
N GLN C 293 -32.59 17.92 6.01
CA GLN C 293 -32.55 19.32 5.62
C GLN C 293 -32.37 19.46 4.12
N GLN C 294 -32.57 20.68 3.62
CA GLN C 294 -32.45 21.02 2.20
C GLN C 294 -33.36 20.14 1.35
N LEU C 295 -34.67 20.28 1.61
CA LEU C 295 -35.68 19.50 0.89
C LEU C 295 -36.18 20.32 -0.29
N ASN C 296 -35.58 20.08 -1.46
CA ASN C 296 -35.95 20.76 -2.69
C ASN C 296 -36.25 19.72 -3.75
N CYS C 297 -37.31 19.97 -4.53
CA CYS C 297 -37.75 19.04 -5.57
C CYS C 297 -37.83 19.77 -6.89
N GLU C 298 -37.14 19.24 -7.90
CA GLU C 298 -37.17 19.76 -9.26
C GLU C 298 -37.66 18.67 -10.20
N THR C 299 -37.99 19.07 -11.42
CA THR C 299 -38.52 18.16 -12.42
C THR C 299 -37.89 18.45 -13.78
N HIS C 300 -37.54 17.38 -14.49
CA HIS C 300 -37.05 17.54 -15.86
C HIS C 300 -38.20 17.72 -16.84
N ASP C 301 -39.18 16.82 -16.79
CA ASP C 301 -40.39 16.93 -17.58
C ASP C 301 -41.59 16.89 -16.65
N LEU C 302 -42.75 17.27 -17.20
CA LEU C 302 -43.99 17.28 -16.42
C LEU C 302 -44.68 15.93 -16.45
N LYS C 303 -43.93 14.87 -16.11
CA LYS C 303 -44.47 13.52 -16.07
C LYS C 303 -44.10 12.84 -14.76
N GLU C 304 -42.96 13.22 -14.18
CA GLU C 304 -42.48 12.62 -12.94
C GLU C 304 -41.78 13.67 -12.11
N ILE C 305 -41.66 13.40 -10.81
CA ILE C 305 -41.03 14.29 -9.85
C ILE C 305 -39.88 13.56 -9.18
N ILE C 306 -38.76 14.26 -9.00
CA ILE C 306 -37.60 13.74 -8.31
C ILE C 306 -37.21 14.73 -7.20
N CYS C 307 -36.75 14.20 -6.07
CA CYS C 307 -36.37 15.00 -4.92
C CYS C 307 -35.03 14.53 -4.39
N SER C 308 -34.19 15.48 -3.98
CA SER C 308 -32.87 15.19 -3.45
C SER C 308 -32.62 16.01 -2.20
N TRP C 309 -31.94 15.40 -1.23
CA TRP C 309 -31.60 16.07 0.02
C TRP C 309 -30.39 15.35 0.63
N ASN C 310 -30.07 15.69 1.87
CA ASN C 310 -28.96 15.08 2.57
C ASN C 310 -29.33 14.84 4.04
N PRO C 311 -28.90 13.73 4.62
CA PRO C 311 -29.18 13.46 6.03
C PRO C 311 -28.31 14.32 6.94
N GLY C 312 -28.66 14.28 8.23
CA GLY C 312 -27.91 15.03 9.22
C GLY C 312 -26.82 14.20 9.86
N ARG C 313 -26.91 13.99 11.17
CA ARG C 313 -25.92 13.17 11.87
C ARG C 313 -26.06 11.71 11.46
N VAL C 314 -24.93 11.00 11.50
CA VAL C 314 -24.92 9.59 11.13
C VAL C 314 -25.63 8.78 12.21
N THR C 315 -26.35 7.74 11.78
CA THR C 315 -27.08 6.87 12.69
C THR C 315 -26.23 5.71 13.22
N ALA C 316 -25.04 5.51 12.66
CA ALA C 316 -24.12 4.45 13.07
C ALA C 316 -24.76 3.06 12.96
N LEU C 317 -25.77 2.90 12.12
CA LEU C 317 -26.46 1.62 11.91
C LEU C 317 -26.59 1.41 10.40
N VAL C 318 -25.62 0.72 9.82
CA VAL C 318 -25.60 0.44 8.39
C VAL C 318 -25.88 -1.04 8.18
N GLY C 319 -26.52 -1.35 7.06
CA GLY C 319 -26.83 -2.72 6.71
C GLY C 319 -28.33 -2.96 6.69
N PRO C 320 -28.77 -4.05 7.34
CA PRO C 320 -30.21 -4.36 7.37
C PRO C 320 -31.01 -3.47 8.29
N ARG C 321 -30.36 -2.69 9.16
CA ARG C 321 -31.05 -1.80 10.09
C ARG C 321 -30.90 -0.33 9.72
N ALA C 322 -30.67 -0.06 8.44
CA ALA C 322 -30.51 1.31 7.97
C ALA C 322 -31.86 2.03 7.96
N THR C 323 -31.81 3.35 7.80
CA THR C 323 -33.02 4.15 7.77
C THR C 323 -33.80 3.89 6.47
N SER C 324 -35.09 4.21 6.51
CA SER C 324 -35.98 4.00 5.38
C SER C 324 -36.83 5.25 5.20
N TYR C 325 -36.67 5.93 4.06
CA TYR C 325 -37.44 7.12 3.76
C TYR C 325 -38.65 6.77 2.91
N THR C 326 -39.75 7.49 3.14
CA THR C 326 -40.99 7.23 2.44
C THR C 326 -41.73 8.55 2.23
N LEU C 327 -42.25 8.75 1.02
CA LEU C 327 -43.00 9.96 0.68
C LEU C 327 -44.49 9.68 0.79
N VAL C 328 -45.22 10.63 1.35
CA VAL C 328 -46.67 10.52 1.53
C VAL C 328 -47.33 11.68 0.80
N GLU C 329 -48.31 11.36 -0.03
CA GLU C 329 -49.04 12.35 -0.82
C GLU C 329 -50.30 12.78 -0.07
N SER C 330 -50.75 14.00 -0.40
CA SER C 330 -51.88 14.60 0.32
C SER C 330 -53.22 14.05 -0.17
N PHE C 331 -53.53 14.27 -1.45
CA PHE C 331 -54.86 13.96 -1.98
C PHE C 331 -54.91 12.59 -2.64
N SER C 332 -54.04 12.33 -3.61
CA SER C 332 -54.07 11.05 -4.31
C SER C 332 -53.68 9.89 -3.41
N GLY C 333 -52.86 10.16 -2.39
CA GLY C 333 -52.46 9.11 -1.46
C GLY C 333 -51.38 8.19 -1.95
N LYS C 334 -50.75 8.48 -3.08
CA LYS C 334 -49.69 7.63 -3.60
C LYS C 334 -48.44 7.74 -2.75
N TYR C 335 -47.69 6.64 -2.68
CA TYR C 335 -46.46 6.60 -1.90
C TYR C 335 -45.43 5.76 -2.62
N VAL C 336 -44.16 6.13 -2.46
CA VAL C 336 -43.05 5.45 -3.09
C VAL C 336 -42.05 5.05 -2.01
N ARG C 337 -41.53 3.84 -2.11
CA ARG C 337 -40.57 3.31 -1.15
C ARG C 337 -39.15 3.46 -1.68
N LEU C 338 -38.22 3.76 -0.78
CA LEU C 338 -36.83 3.94 -1.16
C LEU C 338 -36.11 2.59 -1.22
N LYS C 339 -35.30 2.42 -2.26
CA LYS C 339 -34.55 1.19 -2.45
C LYS C 339 -33.14 1.36 -1.88
N ARG C 340 -32.83 0.59 -0.84
CA ARG C 340 -31.53 0.67 -0.21
C ARG C 340 -30.46 0.09 -1.12
N ALA C 341 -29.39 0.85 -1.34
CA ALA C 341 -28.30 0.41 -2.19
C ALA C 341 -26.97 0.43 -1.44
N ASN C 346 -24.83 5.69 -0.07
CA ASN C 346 -24.25 6.64 -1.01
C ASN C 346 -24.28 8.06 -0.47
N GLU C 347 -23.71 9.00 -1.22
CA GLU C 347 -23.69 10.39 -0.79
C GLU C 347 -25.07 11.04 -0.97
N SER C 348 -25.58 11.06 -2.20
CA SER C 348 -26.87 11.63 -2.49
C SER C 348 -27.69 10.63 -3.30
N TYR C 349 -29.02 10.81 -3.24
CA TYR C 349 -29.94 9.93 -3.94
C TYR C 349 -31.19 10.71 -4.31
N GLN C 350 -31.93 10.17 -5.27
CA GLN C 350 -33.16 10.80 -5.76
C GLN C 350 -34.25 9.74 -5.89
N LEU C 351 -35.48 10.13 -5.55
CA LEU C 351 -36.62 9.23 -5.62
C LEU C 351 -37.40 9.48 -6.92
N LEU C 352 -38.50 8.74 -7.07
CA LEU C 352 -39.37 8.86 -8.24
C LEU C 352 -40.81 8.93 -7.79
N PHE C 353 -41.57 9.84 -8.40
CA PHE C 353 -42.99 10.02 -8.08
C PHE C 353 -43.72 10.34 -9.37
N GLN C 354 -44.57 9.41 -9.82
CA GLN C 354 -45.32 9.61 -11.05
C GLN C 354 -46.37 10.70 -10.85
N MET C 355 -46.46 11.61 -11.82
CA MET C 355 -47.36 12.75 -11.73
C MET C 355 -48.78 12.35 -12.11
N LEU C 356 -49.75 12.80 -11.33
CA LEU C 356 -51.16 12.64 -11.66
C LEU C 356 -51.69 13.95 -12.23
N PRO C 357 -52.40 13.93 -13.35
CA PRO C 357 -52.84 15.19 -13.96
C PRO C 357 -53.91 15.89 -13.15
N ASN C 358 -53.97 17.21 -13.32
CA ASN C 358 -55.00 18.06 -12.73
C ASN C 358 -54.93 18.10 -11.21
N GLN C 359 -53.78 17.79 -10.62
CA GLN C 359 -53.58 17.92 -9.18
C GLN C 359 -52.94 19.26 -8.82
N GLU C 360 -51.72 19.51 -9.30
CA GLU C 360 -50.99 20.77 -9.22
C GLU C 360 -50.63 21.19 -7.80
N ILE C 361 -51.01 20.43 -6.78
CA ILE C 361 -50.73 20.78 -5.39
C ILE C 361 -50.29 19.51 -4.66
N TYR C 362 -49.11 19.54 -4.04
CA TYR C 362 -48.59 18.43 -3.28
C TYR C 362 -47.84 18.95 -2.07
N ASN C 363 -48.01 18.27 -0.93
CA ASN C 363 -47.30 18.58 0.31
C ASN C 363 -46.40 17.39 0.61
N PHE C 364 -45.18 17.43 0.06
CA PHE C 364 -44.25 16.31 0.18
C PHE C 364 -43.78 16.17 1.63
N THR C 365 -44.12 15.05 2.26
CA THR C 365 -43.72 14.75 3.62
C THR C 365 -42.80 13.53 3.61
N LEU C 366 -41.63 13.67 4.23
CA LEU C 366 -40.64 12.60 4.29
C LEU C 366 -40.69 11.95 5.66
N ASN C 367 -40.93 10.64 5.69
CA ASN C 367 -40.99 9.87 6.92
C ASN C 367 -39.74 9.02 7.06
N ALA C 368 -39.06 9.14 8.20
CA ALA C 368 -37.84 8.40 8.47
C ALA C 368 -38.12 7.35 9.52
N HIS C 369 -37.97 6.08 9.14
CA HIS C 369 -38.21 4.96 10.02
C HIS C 369 -36.89 4.46 10.61
N ASN C 370 -36.88 4.21 11.91
CA ASN C 370 -35.69 3.76 12.61
C ASN C 370 -36.11 3.20 13.96
N PRO C 371 -35.50 2.11 14.44
CA PRO C 371 -35.89 1.55 15.74
C PRO C 371 -35.51 2.43 16.93
N LEU C 372 -34.90 3.59 16.71
CA LEU C 372 -34.53 4.51 17.78
C LEU C 372 -35.35 5.79 17.79
N GLY C 373 -35.62 6.38 16.63
CA GLY C 373 -36.40 7.60 16.56
C GLY C 373 -37.01 7.78 15.20
N ARG C 374 -37.84 8.81 15.10
CA ARG C 374 -38.53 9.14 13.85
C ARG C 374 -38.56 10.66 13.67
N SER C 375 -38.50 11.09 12.42
CA SER C 375 -38.52 12.51 12.09
C SER C 375 -39.32 12.71 10.82
N GLN C 376 -39.96 13.89 10.70
CA GLN C 376 -40.76 14.23 9.55
C GLN C 376 -40.44 15.65 9.13
N SER C 377 -40.75 15.95 7.86
CA SER C 377 -40.51 17.28 7.30
C SER C 377 -41.57 17.56 6.25
N THR C 378 -42.28 18.68 6.41
CA THR C 378 -43.34 19.09 5.49
C THR C 378 -42.88 20.33 4.74
N ILE C 379 -42.80 20.22 3.41
CA ILE C 379 -42.38 21.32 2.54
C ILE C 379 -43.28 21.35 1.32
N LEU C 380 -43.85 22.51 1.02
CA LEU C 380 -44.72 22.66 -0.14
C LEU C 380 -43.89 22.86 -1.41
N VAL C 381 -44.49 22.50 -2.54
CA VAL C 381 -43.83 22.61 -3.84
C VAL C 381 -44.89 22.88 -4.90
N ASN C 382 -44.47 23.54 -5.98
CA ASN C 382 -45.34 23.86 -7.10
C ASN C 382 -44.79 23.19 -8.35
N ILE C 383 -45.58 22.29 -8.93
CA ILE C 383 -45.14 21.55 -10.12
C ILE C 383 -45.00 22.47 -11.33
N THR C 384 -45.66 23.62 -11.31
CA THR C 384 -45.55 24.59 -12.40
C THR C 384 -44.49 25.65 -12.16
N GLU C 385 -44.10 25.87 -10.90
CA GLU C 385 -43.08 26.85 -10.57
C GLU C 385 -41.71 26.23 -10.33
N LYS C 386 -41.60 24.90 -10.31
CA LYS C 386 -40.31 24.25 -10.13
C LYS C 386 -39.96 23.40 -11.35
N VAL C 387 -40.16 23.95 -12.54
CA VAL C 387 -39.89 23.24 -13.79
C VAL C 387 -38.46 23.50 -14.21
N TYR C 388 -37.78 22.47 -14.69
CA TYR C 388 -36.41 22.56 -15.16
C TYR C 388 -36.29 21.85 -16.50
N PRO C 389 -36.20 22.57 -17.62
CA PRO C 389 -36.11 21.91 -18.92
C PRO C 389 -34.78 21.19 -19.10
N HIS C 390 -34.74 20.39 -20.16
CA HIS C 390 -33.55 19.62 -20.53
C HIS C 390 -32.87 20.24 -21.75
N THR C 391 -31.70 19.72 -22.07
CA THR C 391 -30.93 20.22 -23.20
C THR C 391 -31.46 19.61 -24.50
N PRO C 392 -31.92 20.43 -25.45
CA PRO C 392 -32.41 19.87 -26.72
C PRO C 392 -31.25 19.31 -27.55
N THR C 393 -31.45 18.12 -28.10
CA THR C 393 -30.45 17.45 -28.91
C THR C 393 -31.00 17.18 -30.29
N SER C 394 -30.10 16.79 -31.20
CA SER C 394 -30.44 16.43 -32.59
C SER C 394 -31.12 17.60 -33.30
N PHE C 395 -30.39 18.70 -33.43
CA PHE C 395 -30.84 19.89 -34.13
C PHE C 395 -29.82 20.29 -35.18
N LYS C 396 -30.29 20.69 -36.35
CA LYS C 396 -29.43 21.09 -37.45
C LYS C 396 -29.88 22.44 -37.98
N VAL C 397 -29.06 23.01 -38.87
CA VAL C 397 -29.30 24.33 -39.44
C VAL C 397 -29.36 24.19 -40.96
N LYS C 398 -30.50 24.56 -41.54
CA LYS C 398 -30.69 24.54 -42.98
C LYS C 398 -31.90 25.39 -43.33
N ASP C 399 -31.86 26.02 -44.51
CA ASP C 399 -32.93 26.89 -44.94
C ASP C 399 -32.85 27.08 -46.44
N ILE C 400 -33.94 27.59 -47.02
CA ILE C 400 -34.03 27.89 -48.44
C ILE C 400 -33.42 29.26 -48.69
N ASN C 401 -33.24 29.62 -49.96
CA ASN C 401 -32.55 30.84 -50.37
C ASN C 401 -33.25 32.11 -49.91
N SER C 402 -34.35 31.98 -49.17
CA SER C 402 -35.06 33.11 -48.59
C SER C 402 -34.31 33.60 -47.36
N THR C 403 -35.01 34.37 -46.50
CA THR C 403 -34.46 34.92 -45.27
C THR C 403 -33.66 33.87 -44.49
N ALA C 404 -32.70 34.32 -43.69
CA ALA C 404 -31.63 33.47 -43.19
C ALA C 404 -32.15 32.43 -42.21
N VAL C 405 -31.21 31.67 -41.63
CA VAL C 405 -31.46 30.42 -40.93
C VAL C 405 -32.60 30.52 -39.92
N LYS C 406 -33.37 29.43 -39.79
CA LYS C 406 -34.44 29.31 -38.82
C LYS C 406 -34.15 28.09 -37.96
N LEU C 407 -33.73 28.32 -36.72
CA LEU C 407 -33.33 27.24 -35.84
C LEU C 407 -34.53 26.37 -35.47
N SER C 408 -34.26 25.09 -35.22
CA SER C 408 -35.31 24.13 -34.88
C SER C 408 -34.67 23.03 -34.04
N TRP C 409 -34.94 23.05 -32.74
CA TRP C 409 -34.41 22.07 -31.80
C TRP C 409 -35.47 21.06 -31.41
N HIS C 410 -35.02 19.92 -30.90
CA HIS C 410 -35.90 18.84 -30.47
C HIS C 410 -35.78 18.67 -28.96
N LEU C 411 -36.84 19.02 -28.25
CA LEU C 411 -36.87 18.90 -26.78
C LEU C 411 -37.91 17.87 -26.37
N PRO C 412 -37.50 16.71 -25.88
CA PRO C 412 -38.48 15.70 -25.49
C PRO C 412 -39.19 16.06 -24.19
N GLY C 413 -40.35 15.43 -23.99
CA GLY C 413 -41.16 15.64 -22.82
C GLY C 413 -42.58 15.98 -23.22
N ASN C 414 -43.32 16.56 -22.27
CA ASN C 414 -44.71 16.96 -22.48
C ASN C 414 -44.86 18.41 -22.05
N PHE C 415 -44.85 19.33 -23.02
CA PHE C 415 -44.98 20.75 -22.74
C PHE C 415 -45.96 21.39 -23.71
N ALA C 416 -47.02 20.67 -24.05
CA ALA C 416 -48.03 21.19 -24.98
C ALA C 416 -48.96 22.22 -24.33
N LYS C 417 -48.92 22.37 -23.01
CA LYS C 417 -49.76 23.33 -22.30
C LYS C 417 -49.03 24.62 -21.95
N ILE C 418 -47.79 24.52 -21.49
CA ILE C 418 -47.00 25.68 -21.10
C ILE C 418 -46.03 26.03 -22.23
N ASN C 419 -45.87 27.32 -22.48
CA ASN C 419 -44.97 27.78 -23.53
C ASN C 419 -43.52 27.79 -23.02
N PHE C 420 -42.62 28.27 -23.87
CA PHE C 420 -41.20 28.32 -23.55
C PHE C 420 -40.68 29.74 -23.73
N LEU C 421 -39.57 30.02 -23.05
CA LEU C 421 -38.87 31.31 -23.14
C LEU C 421 -37.41 31.08 -23.49
N CYS C 422 -37.16 30.24 -24.47
CA CYS C 422 -35.80 29.88 -24.87
C CYS C 422 -35.11 31.10 -25.48
N GLU C 423 -34.15 31.65 -24.75
CA GLU C 423 -33.39 32.78 -25.25
C GLU C 423 -32.27 32.30 -26.17
N ILE C 424 -32.13 32.99 -27.31
CA ILE C 424 -31.12 32.65 -28.31
C ILE C 424 -30.01 33.69 -28.26
N GLU C 425 -28.77 33.24 -28.43
CA GLU C 425 -27.61 34.12 -28.42
C GLU C 425 -26.74 33.81 -29.63
N ILE C 426 -26.40 34.84 -30.40
CA ILE C 426 -25.55 34.71 -31.58
C ILE C 426 -24.28 35.52 -31.33
N LYS C 427 -23.13 34.93 -31.68
CA LYS C 427 -21.83 35.53 -31.44
C LYS C 427 -21.16 35.85 -32.75
N LYS C 428 -20.49 37.01 -32.80
CA LYS C 428 -19.74 37.43 -33.98
C LYS C 428 -18.39 36.71 -34.00
N SER C 429 -17.48 37.17 -34.86
CA SER C 429 -16.17 36.56 -34.96
C SER C 429 -15.32 36.93 -33.75
N ASN C 430 -15.66 36.36 -32.59
CA ASN C 430 -14.95 36.59 -31.33
C ASN C 430 -14.92 38.07 -30.93
N SER C 431 -15.88 38.86 -31.42
CA SER C 431 -15.94 40.28 -31.10
C SER C 431 -17.20 40.68 -30.37
N VAL C 432 -18.37 40.34 -30.90
CA VAL C 432 -19.66 40.76 -30.34
C VAL C 432 -20.53 39.52 -30.15
N GLN C 433 -21.30 39.50 -29.07
CA GLN C 433 -22.25 38.42 -28.80
C GLN C 433 -23.60 39.06 -28.46
N GLU C 434 -24.52 39.04 -29.42
CA GLU C 434 -25.83 39.64 -29.23
C GLU C 434 -26.74 38.70 -28.46
N GLN C 435 -27.66 39.29 -27.68
CA GLN C 435 -28.59 38.54 -26.86
C GLN C 435 -30.01 38.95 -27.19
N ARG C 436 -30.90 37.97 -27.34
CA ARG C 436 -32.30 38.23 -27.62
C ARG C 436 -33.12 37.06 -27.11
N ASN C 437 -34.44 37.23 -27.16
CA ASN C 437 -35.36 36.21 -26.66
C ASN C 437 -36.53 36.05 -27.63
N VAL C 438 -36.94 34.80 -27.85
CA VAL C 438 -38.07 34.47 -28.68
C VAL C 438 -39.01 33.56 -27.91
N THR C 439 -40.24 33.46 -28.39
CA THR C 439 -41.26 32.63 -27.75
C THR C 439 -41.79 31.60 -28.74
N ILE C 440 -42.21 30.45 -28.20
CA ILE C 440 -42.74 29.35 -28.99
C ILE C 440 -43.94 28.75 -28.27
N LYS C 441 -44.75 28.02 -29.03
CA LYS C 441 -45.96 27.41 -28.49
C LYS C 441 -45.65 25.98 -28.04
N GLY C 442 -46.69 25.24 -27.66
CA GLY C 442 -46.53 23.88 -27.19
C GLY C 442 -46.55 22.88 -28.34
N VAL C 443 -45.51 22.05 -28.41
CA VAL C 443 -45.36 21.05 -29.45
C VAL C 443 -45.19 19.69 -28.79
N GLU C 444 -45.57 18.65 -29.54
CA GLU C 444 -45.49 17.27 -29.06
C GLU C 444 -44.04 16.77 -29.17
N ASN C 445 -43.86 15.46 -29.04
CA ASN C 445 -42.53 14.85 -29.04
C ASN C 445 -41.98 14.92 -30.47
N SER C 446 -41.55 16.11 -30.85
CA SER C 446 -40.97 16.37 -32.16
C SER C 446 -40.11 17.61 -32.06
N SER C 447 -39.70 18.15 -33.22
CA SER C 447 -38.89 19.36 -33.24
C SER C 447 -39.78 20.58 -33.05
N TYR C 448 -39.15 21.75 -32.94
CA TYR C 448 -39.83 23.01 -32.75
C TYR C 448 -39.61 23.90 -33.97
N LEU C 449 -40.16 25.12 -33.90
CA LEU C 449 -40.06 26.08 -34.99
C LEU C 449 -39.68 27.44 -34.42
N VAL C 450 -38.50 27.93 -34.79
CA VAL C 450 -38.01 29.24 -34.36
C VAL C 450 -37.53 29.98 -35.61
N ALA C 451 -37.95 31.24 -35.73
CA ALA C 451 -37.64 32.05 -36.90
C ALA C 451 -36.73 33.21 -36.52
N LEU C 452 -35.83 33.56 -37.44
CA LEU C 452 -34.93 34.69 -37.29
C LEU C 452 -35.08 35.62 -38.49
N ASP C 453 -34.51 36.83 -38.35
CA ASP C 453 -34.63 37.83 -39.40
C ASP C 453 -33.42 38.75 -39.37
N LYS C 454 -33.02 39.21 -40.55
CA LYS C 454 -31.95 40.19 -40.72
C LYS C 454 -30.63 39.70 -40.14
N LEU C 455 -30.12 38.62 -40.73
CA LEU C 455 -28.82 38.09 -40.35
C LEU C 455 -27.74 38.63 -41.30
N ASN C 456 -26.56 38.06 -41.23
CA ASN C 456 -25.37 38.58 -41.92
C ASN C 456 -24.69 37.47 -42.70
N PRO C 457 -23.70 37.82 -43.55
CA PRO C 457 -22.91 36.78 -44.23
C PRO C 457 -22.03 35.97 -43.29
N TYR C 458 -21.21 35.08 -43.84
CA TYR C 458 -20.43 34.13 -43.05
C TYR C 458 -19.74 34.77 -41.85
N THR C 459 -18.79 35.67 -42.10
CA THR C 459 -18.12 36.49 -41.07
C THR C 459 -17.75 35.68 -39.82
N LEU C 460 -17.59 34.36 -39.97
CA LEU C 460 -17.22 33.46 -38.87
C LEU C 460 -18.17 33.60 -37.69
N TYR C 461 -19.45 33.37 -37.95
CA TYR C 461 -20.47 33.36 -36.90
C TYR C 461 -20.61 31.98 -36.29
N THR C 462 -21.12 31.94 -35.07
CA THR C 462 -21.41 30.70 -34.34
C THR C 462 -22.83 30.78 -33.78
N PHE C 463 -23.23 29.71 -33.10
CA PHE C 463 -24.57 29.66 -32.51
C PHE C 463 -24.51 28.91 -31.18
N ARG C 464 -25.45 29.22 -30.30
CA ARG C 464 -25.55 28.58 -29.00
C ARG C 464 -26.96 28.78 -28.47
N ILE C 465 -27.56 27.70 -27.97
CA ILE C 465 -28.94 27.73 -27.51
C ILE C 465 -29.01 27.46 -26.02
N ARG C 466 -30.02 28.02 -25.37
CA ARG C 466 -30.27 27.80 -23.96
C ARG C 466 -31.74 28.09 -23.69
N CYS C 467 -32.49 27.07 -23.32
CA CYS C 467 -33.93 27.18 -23.13
C CYS C 467 -34.29 27.29 -21.65
N SER C 468 -35.53 27.74 -21.41
CA SER C 468 -36.05 27.89 -20.06
C SER C 468 -37.55 27.69 -20.10
N THR C 469 -38.22 28.10 -19.02
CA THR C 469 -39.67 27.98 -18.89
C THR C 469 -40.27 29.36 -18.67
N GLU C 470 -41.57 29.49 -18.95
CA GLU C 470 -42.26 30.75 -18.73
C GLU C 470 -42.16 31.20 -17.27
N THR C 471 -42.16 30.26 -16.34
CA THR C 471 -41.99 30.60 -14.93
C THR C 471 -40.55 31.02 -14.64
N PHE C 472 -40.37 31.74 -13.54
CA PHE C 472 -39.06 32.24 -13.13
C PHE C 472 -38.37 31.16 -12.31
N TRP C 473 -37.42 30.46 -12.92
CA TRP C 473 -36.68 29.40 -12.26
C TRP C 473 -35.31 29.28 -12.93
N LYS C 474 -34.59 28.21 -12.60
CA LYS C 474 -33.26 28.00 -13.14
C LYS C 474 -33.31 27.74 -14.65
N TRP C 475 -32.19 27.99 -15.30
CA TRP C 475 -32.07 27.78 -16.74
C TRP C 475 -31.67 26.33 -17.02
N SER C 476 -31.38 26.03 -18.28
CA SER C 476 -31.00 24.69 -18.71
C SER C 476 -29.53 24.68 -19.13
N LYS C 477 -29.02 23.47 -19.32
CA LYS C 477 -27.64 23.30 -19.73
C LYS C 477 -27.47 23.64 -21.21
N TRP C 478 -26.24 24.00 -21.58
CA TRP C 478 -25.95 24.40 -22.94
C TRP C 478 -25.87 23.18 -23.86
N SER C 479 -25.83 23.44 -25.16
CA SER C 479 -25.75 22.42 -26.19
C SER C 479 -24.44 22.57 -26.97
N ASN C 480 -24.29 21.73 -27.99
CA ASN C 480 -23.10 21.80 -28.83
C ASN C 480 -23.17 22.98 -29.78
N LYS C 481 -22.03 23.63 -29.98
CA LYS C 481 -21.97 24.79 -30.86
C LYS C 481 -21.95 24.37 -32.32
N LYS C 482 -22.66 25.13 -33.16
CA LYS C 482 -22.74 24.85 -34.58
C LYS C 482 -22.47 26.13 -35.36
N GLN C 483 -21.86 25.97 -36.53
CA GLN C 483 -21.50 27.10 -37.39
C GLN C 483 -21.90 26.84 -38.84
N HIS C 484 -23.02 26.14 -39.05
CA HIS C 484 -23.52 25.87 -40.41
C HIS C 484 -24.19 27.13 -40.93
N LEU C 485 -23.46 27.89 -41.74
CA LEU C 485 -23.93 29.15 -42.28
C LEU C 485 -24.21 29.02 -43.77
N THR C 486 -25.09 29.86 -44.27
CA THR C 486 -25.45 29.85 -45.69
C THR C 486 -24.42 30.64 -46.50
N THR C 487 -24.52 30.51 -47.82
CA THR C 487 -23.59 31.17 -48.73
C THR C 487 -23.76 32.69 -48.67
N GLU C 488 -22.73 33.39 -49.12
CA GLU C 488 -22.70 34.84 -49.14
C GLU C 488 -22.58 35.34 -50.58
N ALA C 489 -22.43 36.66 -50.73
CA ALA C 489 -22.30 37.31 -52.03
C ALA C 489 -23.47 36.96 -52.95
N LEU D 102 -18.74 2.25 -48.16
CA LEU D 102 -17.33 2.05 -47.90
C LEU D 102 -17.07 0.76 -47.14
N PRO D 103 -15.97 0.08 -47.44
CA PRO D 103 -15.63 -1.16 -46.73
C PRO D 103 -15.38 -0.90 -45.25
N PRO D 104 -15.54 -1.92 -44.40
CA PRO D 104 -15.35 -1.70 -42.97
C PRO D 104 -13.94 -1.29 -42.58
N GLU D 105 -12.92 -1.76 -43.32
CA GLU D 105 -11.52 -1.42 -43.06
C GLU D 105 -11.12 -1.83 -41.64
N LYS D 106 -11.10 -3.14 -41.44
CA LYS D 106 -10.79 -3.72 -40.14
C LYS D 106 -9.42 -3.25 -39.66
N PRO D 107 -9.22 -3.04 -38.36
CA PRO D 107 -7.92 -2.60 -37.85
C PRO D 107 -6.91 -3.74 -37.87
N LYS D 108 -5.65 -3.38 -37.61
CA LYS D 108 -4.54 -4.31 -37.69
C LYS D 108 -3.46 -3.89 -36.71
N ASN D 109 -2.25 -4.41 -36.92
CA ASN D 109 -1.01 -4.06 -36.20
C ASN D 109 -0.96 -4.64 -34.79
N LEU D 110 -2.08 -5.19 -34.31
CA LEU D 110 -2.15 -6.08 -33.14
C LEU D 110 -1.14 -5.76 -32.04
N SER D 111 -1.03 -4.51 -31.62
CA SER D 111 0.00 -4.09 -30.68
C SER D 111 -0.60 -3.22 -29.60
N CYS D 112 -0.39 -3.59 -28.34
CA CYS D 112 -0.76 -2.77 -27.19
C CYS D 112 -0.06 -3.32 -25.95
N ILE D 113 -0.09 -2.52 -24.88
CA ILE D 113 0.69 -2.79 -23.68
C ILE D 113 -0.24 -3.08 -22.52
N VAL D 114 0.35 -3.58 -21.43
CA VAL D 114 -0.35 -3.87 -20.19
C VAL D 114 0.35 -3.11 -19.06
N ASN D 115 -0.44 -2.62 -18.11
CA ASN D 115 0.06 -1.88 -16.97
C ASN D 115 0.09 -2.76 -15.73
N GLU D 116 0.85 -2.30 -14.73
CA GLU D 116 1.04 -3.05 -13.48
C GLU D 116 -0.17 -2.83 -12.57
N GLY D 117 -1.24 -3.56 -12.85
CA GLY D 117 -2.44 -3.49 -12.04
C GLY D 117 -3.35 -2.32 -12.38
N LYS D 118 -2.78 -1.25 -12.91
CA LYS D 118 -3.57 -0.08 -13.27
C LYS D 118 -4.40 -0.36 -14.52
N LYS D 119 -5.27 0.59 -14.85
CA LYS D 119 -6.12 0.45 -16.03
C LYS D 119 -5.27 0.45 -17.30
N MET D 120 -5.59 -0.47 -18.21
CA MET D 120 -4.85 -0.64 -19.45
C MET D 120 -5.78 -0.39 -20.63
N ARG D 121 -5.28 0.28 -21.65
CA ARG D 121 -6.00 0.50 -22.89
C ARG D 121 -5.23 -0.15 -24.02
N CYS D 122 -5.94 -0.92 -24.86
CA CYS D 122 -5.32 -1.61 -25.98
C CYS D 122 -5.52 -0.80 -27.25
N GLU D 123 -4.40 -0.47 -27.89
CA GLU D 123 -4.37 0.42 -29.04
C GLU D 123 -4.52 -0.37 -30.34
N TRP D 124 -5.16 0.27 -31.32
CA TRP D 124 -5.28 -0.27 -32.67
C TRP D 124 -5.25 0.89 -33.65
N ASP D 125 -4.99 0.57 -34.91
CA ASP D 125 -4.88 1.57 -35.96
C ASP D 125 -6.27 1.97 -36.46
N GLY D 126 -6.45 3.27 -36.72
CA GLY D 126 -7.72 3.74 -37.22
C GLY D 126 -7.93 3.36 -38.68
N GLY D 127 -6.97 3.68 -39.54
CA GLY D 127 -7.06 3.32 -40.94
C GLY D 127 -7.20 4.52 -41.86
N ARG D 128 -8.28 4.55 -42.63
CA ARG D 128 -8.52 5.61 -43.60
C ARG D 128 -9.80 6.36 -43.23
N GLU D 129 -10.21 7.27 -44.12
CA GLU D 129 -11.39 8.11 -43.90
C GLU D 129 -12.64 7.30 -44.24
N THR D 130 -13.29 6.76 -43.22
CA THR D 130 -14.57 6.05 -43.39
C THR D 130 -15.75 6.97 -43.13
N HIS D 131 -15.86 7.50 -41.92
CA HIS D 131 -16.93 8.44 -41.54
C HIS D 131 -18.31 7.81 -41.68
N LEU D 132 -18.42 6.51 -41.39
CA LEU D 132 -19.69 5.80 -41.37
C LEU D 132 -19.82 5.09 -40.03
N GLU D 133 -20.30 5.84 -39.03
CA GLU D 133 -20.54 5.35 -37.67
C GLU D 133 -19.47 4.37 -37.21
N THR D 134 -18.22 4.81 -37.30
CA THR D 134 -17.09 3.96 -36.92
C THR D 134 -17.02 3.81 -35.42
N ASN D 135 -17.67 2.77 -34.89
CA ASN D 135 -17.68 2.48 -33.45
C ASN D 135 -17.32 1.01 -33.27
N PHE D 136 -16.06 0.73 -33.00
CA PHE D 136 -15.60 -0.64 -32.84
C PHE D 136 -15.95 -1.15 -31.44
N THR D 137 -15.65 -2.44 -31.24
CA THR D 137 -15.87 -3.09 -29.95
C THR D 137 -14.74 -4.07 -29.70
N LEU D 138 -14.37 -4.23 -28.42
CA LEU D 138 -13.30 -5.12 -28.02
C LEU D 138 -13.85 -6.24 -27.14
N LYS D 139 -13.41 -7.47 -27.40
CA LYS D 139 -13.84 -8.64 -26.67
C LYS D 139 -12.68 -9.23 -25.86
N SER D 140 -13.04 -10.02 -24.86
CA SER D 140 -12.06 -10.70 -24.02
C SER D 140 -12.54 -12.12 -23.75
N GLU D 141 -11.59 -13.02 -23.54
CA GLU D 141 -11.91 -14.43 -23.31
C GLU D 141 -10.78 -15.09 -22.56
N TRP D 142 -11.14 -15.92 -21.58
CA TRP D 142 -10.18 -16.70 -20.80
C TRP D 142 -10.33 -18.19 -21.04
N ALA D 143 -11.08 -18.60 -22.07
CA ALA D 143 -11.38 -19.97 -22.45
C ALA D 143 -12.29 -20.66 -21.44
N THR D 144 -12.64 -20.02 -20.32
CA THR D 144 -13.56 -20.60 -19.35
C THR D 144 -14.62 -19.57 -18.98
N HIS D 145 -14.27 -18.29 -19.07
CA HIS D 145 -15.19 -17.21 -18.75
C HIS D 145 -14.89 -16.01 -19.65
N LYS D 146 -15.95 -15.38 -20.15
CA LYS D 146 -15.83 -14.24 -21.05
C LYS D 146 -16.08 -12.95 -20.29
N PHE D 147 -15.15 -12.02 -20.39
CA PHE D 147 -15.31 -10.72 -19.75
C PHE D 147 -16.28 -9.85 -20.56
N ALA D 148 -16.71 -8.75 -19.94
CA ALA D 148 -17.63 -7.84 -20.61
C ALA D 148 -16.97 -7.16 -21.79
N ASP D 149 -17.75 -6.91 -22.83
CA ASP D 149 -17.23 -6.26 -24.03
C ASP D 149 -17.03 -4.77 -23.78
N CYS D 150 -16.38 -4.12 -24.75
CA CYS D 150 -16.08 -2.70 -24.67
C CYS D 150 -16.76 -1.96 -25.82
N LYS D 151 -16.50 -0.65 -25.89
CA LYS D 151 -17.07 0.20 -26.93
C LYS D 151 -16.06 1.29 -27.27
N ALA D 152 -15.75 1.42 -28.55
CA ALA D 152 -14.77 2.41 -28.98
C ALA D 152 -15.29 3.82 -28.76
N LYS D 153 -14.39 4.69 -28.31
CA LYS D 153 -14.76 6.08 -28.04
C LYS D 153 -15.05 6.82 -29.34
N ARG D 154 -16.04 7.72 -29.29
CA ARG D 154 -16.40 8.47 -30.48
C ARG D 154 -15.32 9.47 -30.88
N ASP D 155 -14.60 10.02 -29.89
CA ASP D 155 -13.55 10.99 -30.19
C ASP D 155 -12.35 10.31 -30.84
N THR D 156 -11.75 9.34 -30.15
CA THR D 156 -10.58 8.61 -30.65
C THR D 156 -10.87 7.12 -30.53
N PRO D 157 -11.44 6.50 -31.57
CA PRO D 157 -11.71 5.05 -31.53
C PRO D 157 -10.46 4.21 -31.75
N THR D 158 -9.50 4.36 -30.84
CA THR D 158 -8.23 3.66 -30.93
C THR D 158 -7.92 2.79 -29.72
N SER D 159 -8.48 3.10 -28.55
CA SER D 159 -8.21 2.32 -27.35
C SER D 159 -9.32 2.56 -26.34
N CYS D 160 -9.65 1.51 -25.59
CA CYS D 160 -10.69 1.58 -24.57
C CYS D 160 -10.33 0.60 -23.45
N THR D 161 -11.28 0.34 -22.58
CA THR D 161 -11.04 -0.54 -21.43
C THR D 161 -10.97 -2.00 -21.86
N VAL D 162 -10.05 -2.74 -21.27
CA VAL D 162 -9.87 -4.16 -21.54
C VAL D 162 -10.34 -5.01 -20.36
N ASP D 163 -9.77 -4.80 -19.18
CA ASP D 163 -10.14 -5.56 -17.99
C ASP D 163 -10.01 -4.65 -16.77
N TYR D 164 -11.05 -4.64 -15.94
CA TYR D 164 -11.01 -3.82 -14.73
C TYR D 164 -9.98 -4.34 -13.74
N SER D 165 -9.96 -5.65 -13.51
CA SER D 165 -9.02 -6.28 -12.58
C SER D 165 -8.02 -7.07 -13.42
N THR D 166 -6.82 -6.53 -13.56
CA THR D 166 -5.78 -7.17 -14.35
C THR D 166 -5.24 -8.40 -13.63
N VAL D 167 -5.36 -9.56 -14.26
CA VAL D 167 -4.87 -10.82 -13.72
C VAL D 167 -3.72 -11.30 -14.58
N TYR D 168 -2.66 -11.77 -13.94
CA TYR D 168 -1.47 -12.23 -14.63
C TYR D 168 -1.50 -13.75 -14.82
N PHE D 169 -0.63 -14.23 -15.70
CA PHE D 169 -0.45 -15.66 -15.96
C PHE D 169 -1.76 -16.32 -16.41
N VAL D 170 -2.50 -15.62 -17.29
CA VAL D 170 -3.73 -16.15 -17.86
C VAL D 170 -3.73 -15.86 -19.35
N ASN D 171 -4.34 -16.75 -20.12
CA ASN D 171 -4.42 -16.61 -21.57
C ASN D 171 -5.60 -15.73 -21.92
N ILE D 172 -5.33 -14.50 -22.36
CA ILE D 172 -6.35 -13.54 -22.74
C ILE D 172 -6.40 -13.45 -24.25
N GLU D 173 -7.58 -13.63 -24.82
CA GLU D 173 -7.79 -13.55 -26.27
C GLU D 173 -8.62 -12.31 -26.57
N VAL D 174 -8.03 -11.37 -27.29
CA VAL D 174 -8.69 -10.11 -27.63
C VAL D 174 -8.67 -9.93 -29.14
N TRP D 175 -9.71 -9.27 -29.65
CA TRP D 175 -9.80 -8.98 -31.07
C TRP D 175 -10.74 -7.79 -31.27
N VAL D 176 -10.36 -6.88 -32.15
CA VAL D 176 -11.13 -5.68 -32.42
C VAL D 176 -12.04 -5.95 -33.61
N GLU D 177 -13.35 -5.84 -33.40
CA GLU D 177 -14.34 -6.08 -34.44
C GLU D 177 -14.77 -4.75 -35.05
N ALA D 178 -14.93 -4.74 -36.37
CA ALA D 178 -15.34 -3.56 -37.11
C ALA D 178 -16.83 -3.66 -37.42
N GLU D 179 -17.59 -2.64 -37.01
CA GLU D 179 -19.03 -2.60 -37.21
C GLU D 179 -19.41 -1.33 -37.94
N ASN D 180 -20.14 -1.47 -39.04
CA ASN D 180 -20.61 -0.33 -39.82
C ASN D 180 -21.92 -0.72 -40.50
N ALA D 181 -22.35 0.09 -41.46
CA ALA D 181 -23.59 -0.20 -42.18
C ALA D 181 -23.42 -1.30 -43.22
N LEU D 182 -22.21 -1.46 -43.76
CA LEU D 182 -21.95 -2.45 -44.80
C LEU D 182 -21.44 -3.74 -44.16
N GLY D 183 -22.37 -4.43 -43.50
CA GLY D 183 -22.07 -5.69 -42.86
C GLY D 183 -21.15 -5.55 -41.65
N LYS D 184 -20.62 -6.68 -41.22
CA LYS D 184 -19.69 -6.74 -40.10
C LYS D 184 -18.53 -7.65 -40.44
N VAL D 185 -17.38 -7.40 -39.81
CA VAL D 185 -16.18 -8.18 -40.04
C VAL D 185 -15.29 -8.06 -38.81
N THR D 186 -14.49 -9.07 -38.56
CA THR D 186 -13.55 -9.10 -37.45
C THR D 186 -12.13 -8.90 -37.97
N SER D 187 -11.18 -8.88 -37.05
CA SER D 187 -9.77 -8.69 -37.37
C SER D 187 -8.98 -9.92 -36.94
N ASP D 188 -7.66 -9.85 -37.08
CA ASP D 188 -6.80 -10.96 -36.70
C ASP D 188 -6.76 -11.10 -35.18
N HIS D 189 -6.69 -12.35 -34.72
CA HIS D 189 -6.63 -12.66 -33.31
C HIS D 189 -5.18 -12.77 -32.84
N ILE D 190 -4.95 -12.40 -31.58
CA ILE D 190 -3.63 -12.44 -30.97
C ILE D 190 -3.75 -13.01 -29.57
N ASN D 191 -2.83 -13.90 -29.21
CA ASN D 191 -2.79 -14.52 -27.89
C ASN D 191 -1.49 -14.14 -27.22
N PHE D 192 -1.58 -13.41 -26.11
CA PHE D 192 -0.41 -12.96 -25.38
C PHE D 192 -0.66 -13.10 -23.88
N ASP D 193 0.44 -13.06 -23.12
CA ASP D 193 0.38 -13.16 -21.67
C ASP D 193 0.56 -11.77 -21.06
N PRO D 194 -0.37 -11.31 -20.21
CA PRO D 194 -0.21 -9.98 -19.60
C PRO D 194 1.04 -9.83 -18.76
N VAL D 195 1.62 -10.93 -18.27
CA VAL D 195 2.84 -10.83 -17.47
C VAL D 195 4.04 -10.47 -18.34
N TYR D 196 3.96 -10.71 -19.66
CA TYR D 196 5.08 -10.39 -20.53
C TYR D 196 5.11 -8.91 -20.89
N LYS D 197 3.94 -8.30 -21.05
CA LYS D 197 3.84 -6.89 -21.43
C LYS D 197 3.77 -5.95 -20.22
N VAL D 198 4.30 -6.38 -19.07
CA VAL D 198 4.24 -5.56 -17.87
C VAL D 198 5.19 -4.37 -18.03
N LYS D 199 4.67 -3.16 -17.82
CA LYS D 199 5.46 -1.95 -17.85
C LYS D 199 5.71 -1.49 -16.41
N PRO D 200 6.86 -1.77 -15.83
CA PRO D 200 7.11 -1.43 -14.42
C PRO D 200 7.39 0.06 -14.26
N ASN D 201 7.54 0.47 -13.01
CA ASN D 201 7.84 1.82 -12.57
C ASN D 201 9.34 1.99 -12.35
N PRO D 202 9.91 3.14 -12.71
CA PRO D 202 11.33 3.37 -12.50
C PRO D 202 11.64 3.42 -11.01
N PRO D 203 12.77 2.86 -10.58
CA PRO D 203 13.12 2.88 -9.16
C PRO D 203 13.36 4.31 -8.68
N HIS D 204 12.81 4.62 -7.51
CA HIS D 204 12.92 5.93 -6.90
C HIS D 204 13.90 5.90 -5.73
N ASN D 205 14.20 7.09 -5.22
CA ASN D 205 15.10 7.27 -4.07
C ASN D 205 16.48 6.68 -4.37
N LEU D 206 17.15 7.26 -5.36
CA LEU D 206 18.52 6.88 -5.70
C LEU D 206 19.50 7.76 -4.93
N SER D 207 20.47 7.14 -4.29
CA SER D 207 21.43 7.87 -3.47
C SER D 207 22.78 7.15 -3.51
N VAL D 208 23.84 7.94 -3.66
CA VAL D 208 25.21 7.44 -3.64
C VAL D 208 25.90 7.99 -2.39
N ILE D 209 26.75 7.17 -1.78
CA ILE D 209 27.43 7.53 -0.54
C ILE D 209 28.88 7.09 -0.60
N ASN D 210 29.69 7.69 0.27
CA ASN D 210 31.10 7.35 0.42
C ASN D 210 31.26 6.48 1.66
N SER D 211 31.72 5.24 1.47
CA SER D 211 31.75 4.28 2.57
C SER D 211 32.97 4.48 3.46
N GLU D 212 34.17 4.26 2.91
CA GLU D 212 35.39 4.35 3.70
C GLU D 212 36.50 5.02 2.90
N GLU D 213 36.15 6.08 2.17
CA GLU D 213 37.13 6.89 1.42
C GLU D 213 37.88 6.05 0.39
N LEU D 214 37.16 5.21 -0.34
CA LEU D 214 37.72 4.44 -1.44
C LEU D 214 37.39 5.15 -2.74
N SER D 215 38.40 5.78 -3.35
CA SER D 215 38.21 6.58 -4.55
C SER D 215 38.04 5.76 -5.82
N SER D 216 37.90 4.43 -5.71
CA SER D 216 37.76 3.57 -6.87
C SER D 216 36.33 3.05 -7.06
N ILE D 217 35.60 2.81 -5.97
CA ILE D 217 34.27 2.22 -6.03
C ILE D 217 33.26 3.23 -5.52
N LEU D 218 32.10 3.30 -6.19
CA LEU D 218 31.01 4.17 -5.79
C LEU D 218 29.71 3.37 -5.83
N LYS D 219 29.13 3.14 -4.65
CA LYS D 219 27.94 2.31 -4.53
C LYS D 219 26.68 3.12 -4.79
N LEU D 220 25.61 2.41 -5.15
CA LEU D 220 24.32 3.04 -5.42
C LEU D 220 23.22 2.05 -5.05
N THR D 221 22.19 2.54 -4.36
CA THR D 221 21.07 1.73 -3.93
C THR D 221 19.76 2.38 -4.35
N TRP D 222 18.72 1.56 -4.44
CA TRP D 222 17.39 2.02 -4.83
C TRP D 222 16.35 1.07 -4.25
N THR D 223 15.08 1.40 -4.48
CA THR D 223 13.96 0.60 -4.01
C THR D 223 13.22 0.03 -5.21
N ASN D 224 13.09 -1.29 -5.25
CA ASN D 224 12.39 -1.95 -6.35
C ASN D 224 10.88 -1.82 -6.18
N PRO D 225 10.13 -1.77 -7.28
CA PRO D 225 8.67 -1.65 -7.18
C PRO D 225 8.00 -2.90 -6.65
N SER D 226 6.67 -2.88 -6.56
CA SER D 226 5.93 -4.03 -6.05
C SER D 226 5.88 -5.20 -7.02
N ILE D 227 6.47 -5.07 -8.21
CA ILE D 227 6.48 -6.15 -9.19
C ILE D 227 7.72 -7.03 -9.07
N LYS D 228 8.61 -6.74 -8.12
CA LYS D 228 9.83 -7.54 -7.98
C LYS D 228 9.53 -8.97 -7.55
N SER D 229 8.41 -9.18 -6.86
CA SER D 229 8.04 -10.51 -6.39
C SER D 229 7.35 -11.35 -7.47
N VAL D 230 7.12 -10.79 -8.66
CA VAL D 230 6.44 -11.49 -9.74
C VAL D 230 7.38 -11.76 -10.90
N ILE D 231 8.09 -10.72 -11.37
CA ILE D 231 8.97 -10.84 -12.52
C ILE D 231 10.38 -10.44 -12.11
N ILE D 232 11.36 -10.94 -12.86
CA ILE D 232 12.77 -10.61 -12.64
C ILE D 232 13.11 -9.40 -13.50
N LEU D 233 13.73 -8.40 -12.87
CA LEU D 233 14.02 -7.13 -13.53
C LEU D 233 15.51 -7.03 -13.84
N LYS D 234 15.84 -6.59 -15.04
CA LYS D 234 17.20 -6.30 -15.44
C LYS D 234 17.39 -4.79 -15.53
N TYR D 235 18.59 -4.34 -15.17
CA TYR D 235 18.88 -2.92 -15.02
C TYR D 235 19.92 -2.46 -16.03
N ASN D 236 19.81 -1.19 -16.43
CA ASN D 236 20.76 -0.56 -17.34
C ASN D 236 20.98 0.87 -16.85
N ILE D 237 22.09 1.09 -16.15
CA ILE D 237 22.39 2.38 -15.54
C ILE D 237 23.21 3.22 -16.50
N GLN D 238 22.85 4.50 -16.62
CA GLN D 238 23.57 5.45 -17.45
C GLN D 238 24.06 6.60 -16.58
N TYR D 239 25.34 6.94 -16.70
CA TYR D 239 25.95 7.99 -15.92
C TYR D 239 26.72 8.93 -16.83
N ARG D 240 26.90 10.18 -16.38
CA ARG D 240 27.62 11.18 -17.15
C ARG D 240 28.01 12.32 -16.22
N THR D 241 28.87 13.18 -16.74
CA THR D 241 29.31 14.37 -16.01
C THR D 241 28.28 15.49 -16.17
N LYS D 242 28.16 16.31 -15.12
CA LYS D 242 27.23 17.44 -15.18
C LYS D 242 27.62 18.46 -16.24
N ASP D 243 28.90 18.51 -16.62
CA ASP D 243 29.33 19.44 -17.65
C ASP D 243 29.05 18.88 -19.06
N ALA D 244 29.33 17.60 -19.26
CA ALA D 244 29.11 16.99 -20.56
C ALA D 244 27.61 16.80 -20.83
N SER D 245 27.27 16.73 -22.11
CA SER D 245 25.89 16.56 -22.54
C SER D 245 25.61 15.16 -23.09
N THR D 246 26.61 14.30 -23.18
CA THR D 246 26.44 12.94 -23.65
C THR D 246 26.50 11.97 -22.48
N TRP D 247 25.80 10.85 -22.62
CA TRP D 247 25.70 9.84 -21.57
C TRP D 247 26.61 8.65 -21.87
N SER D 248 27.00 7.96 -20.80
CA SER D 248 27.83 6.77 -20.89
C SER D 248 27.02 5.58 -20.37
N GLN D 249 26.95 4.52 -21.18
CA GLN D 249 26.14 3.36 -20.83
C GLN D 249 27.00 2.29 -20.18
N ILE D 250 26.50 1.72 -19.10
CA ILE D 250 27.15 0.60 -18.41
C ILE D 250 26.83 -0.68 -19.17
N PRO D 251 27.79 -1.59 -19.35
CA PRO D 251 27.51 -2.87 -20.03
C PRO D 251 26.28 -3.54 -19.46
N PRO D 252 25.35 -3.98 -20.32
CA PRO D 252 24.11 -4.57 -19.81
C PRO D 252 24.30 -5.96 -19.23
N GLU D 253 25.35 -6.68 -19.63
CA GLU D 253 25.58 -8.04 -19.13
C GLU D 253 26.02 -8.07 -17.68
N ASP D 254 26.32 -6.92 -17.07
CA ASP D 254 26.75 -6.89 -15.68
C ASP D 254 25.56 -6.85 -14.73
N THR D 255 24.47 -6.20 -15.12
CA THR D 255 23.28 -6.07 -14.29
C THR D 255 22.08 -6.77 -14.94
N ALA D 256 22.32 -7.96 -15.48
CA ALA D 256 21.25 -8.70 -16.14
C ALA D 256 20.28 -9.36 -15.17
N SER D 257 20.61 -9.41 -13.88
CA SER D 257 19.77 -10.01 -12.87
C SER D 257 19.27 -8.96 -11.89
N THR D 258 18.25 -9.32 -11.12
CA THR D 258 17.67 -8.41 -10.15
C THR D 258 18.60 -8.27 -8.95
N ARG D 259 18.92 -7.02 -8.61
CA ARG D 259 19.79 -6.73 -7.47
C ARG D 259 19.27 -5.51 -6.74
N SER D 260 19.53 -5.45 -5.44
CA SER D 260 19.09 -4.33 -4.62
C SER D 260 20.09 -3.17 -4.64
N SER D 261 21.39 -3.49 -4.61
CA SER D 261 22.44 -2.48 -4.64
C SER D 261 23.39 -2.76 -5.79
N PHE D 262 24.14 -1.75 -6.18
CA PHE D 262 25.10 -1.87 -7.26
C PHE D 262 26.17 -0.80 -7.10
N THR D 263 27.41 -1.15 -7.42
CA THR D 263 28.55 -0.26 -7.27
C THR D 263 29.26 -0.10 -8.62
N VAL D 264 29.45 1.15 -9.03
CA VAL D 264 30.17 1.47 -10.25
C VAL D 264 31.61 1.77 -9.89
N GLN D 265 32.55 1.14 -10.59
CA GLN D 265 33.97 1.28 -10.31
C GLN D 265 34.68 1.99 -11.45
N ASP D 266 35.92 2.38 -11.19
CA ASP D 266 36.78 3.07 -12.15
C ASP D 266 36.14 4.38 -12.62
N LEU D 267 35.97 5.30 -11.68
CA LEU D 267 35.40 6.61 -11.94
C LEU D 267 36.49 7.67 -11.88
N LYS D 268 36.09 8.91 -12.18
CA LYS D 268 37.02 10.03 -12.15
C LYS D 268 36.88 10.79 -10.83
N PRO D 269 37.99 11.29 -10.28
CA PRO D 269 37.93 11.96 -8.98
C PRO D 269 37.44 13.40 -9.08
N PHE D 270 36.65 13.81 -8.09
CA PHE D 270 36.15 15.18 -7.95
C PHE D 270 35.39 15.63 -9.21
N THR D 271 34.41 14.82 -9.61
CA THR D 271 33.52 15.17 -10.70
C THR D 271 32.12 14.68 -10.35
N GLU D 272 31.13 15.56 -10.48
CA GLU D 272 29.77 15.23 -10.08
C GLU D 272 29.10 14.36 -11.14
N TYR D 273 28.38 13.33 -10.70
CA TYR D 273 27.68 12.42 -11.59
C TYR D 273 26.19 12.45 -11.30
N VAL D 274 25.40 12.19 -12.33
CA VAL D 274 23.95 12.04 -12.21
C VAL D 274 23.59 10.64 -12.67
N PHE D 275 22.50 10.11 -12.11
CA PHE D 275 22.11 8.73 -12.36
C PHE D 275 20.61 8.64 -12.59
N ARG D 276 20.22 7.78 -13.52
CA ARG D 276 18.83 7.44 -13.76
C ARG D 276 18.77 6.02 -14.30
N ILE D 277 17.72 5.29 -13.93
CA ILE D 277 17.63 3.86 -14.21
C ILE D 277 16.22 3.50 -14.62
N ARG D 278 16.11 2.58 -15.58
CA ARG D 278 14.83 2.02 -15.99
C ARG D 278 14.96 0.50 -16.04
N CYS D 279 13.84 -0.18 -15.80
CA CYS D 279 13.84 -1.63 -15.70
C CYS D 279 12.75 -2.22 -16.59
N MET D 280 12.86 -3.52 -16.83
CA MET D 280 11.89 -4.27 -17.63
C MET D 280 12.05 -5.74 -17.28
N LYS D 281 11.41 -6.61 -18.06
CA LYS D 281 11.52 -8.04 -17.83
C LYS D 281 12.94 -8.53 -18.09
N GLU D 282 13.25 -9.70 -17.53
CA GLU D 282 14.61 -10.23 -17.62
C GLU D 282 14.92 -10.72 -19.03
N ASP D 283 13.98 -11.42 -19.66
CA ASP D 283 14.24 -12.00 -20.99
C ASP D 283 14.42 -10.91 -22.04
N GLY D 284 13.50 -9.95 -22.09
CA GLY D 284 13.57 -8.88 -23.06
C GLY D 284 12.26 -8.68 -23.80
N LYS D 285 11.35 -9.64 -23.68
CA LYS D 285 10.04 -9.55 -24.33
C LYS D 285 9.15 -8.67 -23.47
N GLY D 286 9.03 -7.41 -23.84
CA GLY D 286 8.23 -6.47 -23.09
C GLY D 286 8.64 -5.05 -23.37
N TYR D 287 7.77 -4.13 -22.95
CA TYR D 287 8.02 -2.71 -23.18
C TYR D 287 8.86 -2.13 -22.05
N TRP D 288 9.64 -1.10 -22.39
CA TRP D 288 10.53 -0.46 -21.43
C TRP D 288 9.73 0.41 -20.46
N SER D 289 10.43 0.98 -19.49
CA SER D 289 9.85 1.86 -18.49
C SER D 289 10.37 3.28 -18.67
N ASP D 290 9.79 4.20 -17.90
CA ASP D 290 10.20 5.60 -17.95
C ASP D 290 11.52 5.79 -17.20
N TRP D 291 12.09 6.98 -17.35
CA TRP D 291 13.34 7.33 -16.69
C TRP D 291 13.06 7.86 -15.29
N SER D 292 13.89 7.44 -14.34
CA SER D 292 13.74 7.85 -12.95
C SER D 292 14.28 9.28 -12.76
N GLU D 293 14.12 9.79 -11.54
CA GLU D 293 14.61 11.12 -11.23
C GLU D 293 16.13 11.14 -11.18
N GLU D 294 16.72 12.17 -11.76
CA GLU D 294 18.18 12.30 -11.79
C GLU D 294 18.69 12.60 -10.39
N ALA D 295 19.48 11.69 -9.84
CA ALA D 295 20.04 11.82 -8.50
C ALA D 295 21.47 12.36 -8.62
N SER D 296 21.78 13.36 -7.79
CA SER D 296 23.10 13.99 -7.80
C SER D 296 24.07 13.12 -7.00
N GLY D 297 25.27 13.64 -6.76
CA GLY D 297 26.28 12.92 -6.02
C GLY D 297 27.69 13.22 -6.48
N ILE D 298 28.62 13.36 -5.53
CA ILE D 298 30.00 13.65 -5.85
C ILE D 298 30.84 12.40 -5.61
N THR D 299 32.09 12.44 -6.07
CA THR D 299 33.02 11.34 -5.92
C THR D 299 33.89 11.57 -4.68
N TYR D 300 34.92 10.74 -4.53
CA TYR D 300 35.78 10.79 -3.35
C TYR D 300 36.82 11.89 -3.54
N GLU D 301 37.78 11.97 -2.60
CA GLU D 301 38.78 13.03 -2.64
C GLU D 301 39.91 12.71 -3.63
N ASP D 302 40.63 11.62 -3.38
CA ASP D 302 41.66 11.11 -4.30
C ASP D 302 42.72 12.17 -4.57
N ARG D 303 43.49 12.46 -3.51
CA ARG D 303 44.57 13.45 -3.50
C ARG D 303 45.37 13.44 -4.80
N PRO D 304 45.72 14.60 -5.35
CA PRO D 304 46.34 14.64 -6.68
C PRO D 304 47.78 14.11 -6.64
N SER D 305 48.06 13.16 -7.52
CA SER D 305 49.42 12.63 -7.68
C SER D 305 50.14 13.35 -8.81
N LYS D 306 50.24 14.67 -8.68
CA LYS D 306 50.87 15.51 -9.69
C LYS D 306 51.57 16.67 -9.01
N ALA D 307 52.80 16.92 -9.42
CA ALA D 307 53.59 18.00 -8.82
C ALA D 307 53.18 19.34 -9.43
N PRO D 308 52.72 20.31 -8.63
CA PRO D 308 52.36 21.61 -9.18
C PRO D 308 53.58 22.36 -9.70
N SER D 309 53.31 23.45 -10.41
CA SER D 309 54.36 24.23 -11.03
C SER D 309 55.07 25.11 -9.99
N PHE D 310 56.22 25.65 -10.38
CA PHE D 310 57.01 26.51 -9.52
C PHE D 310 57.99 27.29 -10.38
N TRP D 311 58.16 28.58 -10.06
CA TRP D 311 59.14 29.42 -10.74
C TRP D 311 59.50 30.58 -9.81
N TYR D 312 60.77 30.93 -9.80
CA TYR D 312 61.31 31.97 -8.94
C TYR D 312 61.74 33.17 -9.79
N LYS D 313 62.33 34.16 -9.12
CA LYS D 313 62.80 35.37 -9.76
C LYS D 313 64.24 35.65 -9.37
N ILE D 314 64.93 36.41 -10.22
CA ILE D 314 66.33 36.75 -10.01
C ILE D 314 66.40 38.28 -9.86
N ASP D 315 65.38 38.85 -9.22
CA ASP D 315 65.30 40.29 -9.07
C ASP D 315 66.57 40.84 -8.42
N PRO D 316 67.06 41.99 -8.86
CA PRO D 316 68.34 42.52 -8.35
C PRO D 316 68.21 43.13 -6.96
N SER D 317 68.31 42.30 -5.92
CA SER D 317 68.32 42.80 -4.56
C SER D 317 69.48 43.78 -4.34
N HIS D 318 69.29 44.71 -3.41
CA HIS D 318 70.25 45.79 -3.20
C HIS D 318 70.79 45.88 -1.78
N THR D 319 70.28 45.10 -0.83
CA THR D 319 70.67 45.24 0.57
C THR D 319 71.91 44.42 0.92
N GLN D 320 72.94 44.57 0.09
CA GLN D 320 74.29 44.02 0.31
C GLN D 320 74.25 42.61 0.91
N GLY D 321 73.65 41.69 0.17
CA GLY D 321 73.50 40.34 0.67
C GLY D 321 72.13 39.75 0.42
N TYR D 322 71.40 39.49 1.52
CA TYR D 322 70.10 38.82 1.50
C TYR D 322 69.23 39.29 0.33
N ARG D 323 68.78 38.32 -0.48
CA ARG D 323 68.00 38.61 -1.68
C ARG D 323 66.53 38.30 -1.42
N THR D 324 65.66 39.20 -1.86
CA THR D 324 64.22 39.04 -1.72
C THR D 324 63.69 38.38 -2.99
N VAL D 325 63.45 37.08 -2.93
CA VAL D 325 62.97 36.31 -4.07
C VAL D 325 61.45 36.21 -3.98
N GLN D 326 60.78 36.45 -5.11
CA GLN D 326 59.32 36.39 -5.19
C GLN D 326 58.92 35.01 -5.71
N LEU D 327 58.42 34.17 -4.82
CA LEU D 327 58.00 32.81 -5.16
C LEU D 327 56.56 32.86 -5.66
N VAL D 328 56.37 32.55 -6.93
CA VAL D 328 55.05 32.58 -7.57
C VAL D 328 54.81 31.22 -8.23
N TRP D 329 53.65 30.63 -7.93
CA TRP D 329 53.24 29.37 -8.55
C TRP D 329 51.79 29.48 -9.00
N LYS D 330 51.48 28.81 -10.10
CA LYS D 330 50.15 28.87 -10.68
C LYS D 330 49.17 28.06 -9.84
N THR D 331 47.88 28.33 -10.06
CA THR D 331 46.82 27.61 -9.37
C THR D 331 46.56 26.27 -10.04
N LEU D 332 46.37 25.24 -9.24
CA LEU D 332 46.14 23.91 -9.77
C LEU D 332 44.75 23.83 -10.40
N PRO D 333 44.62 23.23 -11.57
CA PRO D 333 43.30 23.10 -12.22
C PRO D 333 42.35 22.27 -11.37
N PRO D 334 41.04 22.42 -11.57
CA PRO D 334 40.09 21.65 -10.74
C PRO D 334 40.24 20.15 -10.90
N PHE D 335 40.34 19.67 -12.14
CA PHE D 335 40.50 18.22 -12.35
C PHE D 335 41.87 17.74 -11.89
N GLU D 336 42.89 18.61 -11.98
CA GLU D 336 44.23 18.24 -11.56
C GLU D 336 44.45 18.40 -10.06
N ALA D 337 43.47 18.92 -9.32
CA ALA D 337 43.57 19.09 -7.87
C ALA D 337 42.75 18.09 -7.09
N ASN D 338 41.59 17.68 -7.61
CA ASN D 338 40.73 16.69 -6.97
C ASN D 338 40.36 17.12 -5.54
N GLY D 339 39.68 18.26 -5.46
CA GLY D 339 39.25 18.79 -4.18
C GLY D 339 39.61 20.26 -4.01
N LYS D 340 39.05 20.89 -2.98
CA LYS D 340 39.33 22.29 -2.72
C LYS D 340 40.76 22.45 -2.20
N ILE D 341 41.51 23.36 -2.82
CA ILE D 341 42.89 23.62 -2.41
C ILE D 341 42.86 24.34 -1.07
N LEU D 342 43.35 23.68 -0.02
CA LEU D 342 43.34 24.28 1.30
C LEU D 342 44.52 25.25 1.48
N ASP D 343 45.74 24.73 1.37
CA ASP D 343 46.93 25.56 1.55
C ASP D 343 48.12 24.83 0.93
N TYR D 344 49.18 25.59 0.67
CA TYR D 344 50.39 25.08 0.08
C TYR D 344 51.50 25.02 1.14
N GLU D 345 52.36 24.01 1.01
CA GLU D 345 53.49 23.82 1.91
C GLU D 345 54.77 23.70 1.08
N VAL D 346 55.79 24.47 1.44
CA VAL D 346 57.05 24.47 0.72
C VAL D 346 58.15 23.93 1.62
N THR D 347 59.36 23.80 1.07
CA THR D 347 60.51 23.30 1.83
C THR D 347 61.76 23.92 1.24
N LEU D 348 62.54 24.59 2.08
CA LEU D 348 63.76 25.27 1.65
C LEU D 348 64.98 24.49 2.13
N THR D 349 65.98 24.38 1.26
CA THR D 349 67.21 23.67 1.55
C THR D 349 68.35 24.67 1.72
N ARG D 350 69.17 24.45 2.74
CA ARG D 350 70.28 25.35 3.06
C ARG D 350 71.46 24.47 3.46
N TRP D 351 72.46 25.08 4.12
CA TRP D 351 73.64 24.37 4.59
C TRP D 351 73.27 23.18 5.45
N LYS D 352 74.22 22.26 5.65
CA LYS D 352 73.94 20.99 6.30
C LYS D 352 73.32 21.18 7.67
N SER D 353 72.35 20.32 7.99
CA SER D 353 71.61 20.38 9.25
C SER D 353 70.96 21.75 9.46
N HIS D 354 70.19 22.17 8.44
CA HIS D 354 69.48 23.45 8.51
C HIS D 354 68.41 23.46 7.42
N LEU D 355 67.18 23.74 7.81
CA LEU D 355 66.07 23.80 6.87
C LEU D 355 64.89 24.51 7.53
N GLN D 356 64.12 25.21 6.70
CA GLN D 356 62.93 25.92 7.16
C GLN D 356 61.79 25.67 6.17
N ASN D 357 60.56 25.90 6.64
CA ASN D 357 59.39 25.72 5.80
C ASN D 357 58.28 26.63 6.29
N TYR D 358 57.28 26.84 5.43
CA TYR D 358 56.15 27.70 5.74
C TYR D 358 54.86 27.03 5.33
N THR D 359 53.76 27.47 5.97
CA THR D 359 52.43 26.94 5.71
C THR D 359 51.44 28.10 5.57
N VAL D 360 51.81 29.09 4.76
CA VAL D 360 50.96 30.25 4.56
C VAL D 360 49.78 29.87 3.67
N ASN D 361 48.58 30.36 4.03
CA ASN D 361 47.38 30.03 3.28
C ASN D 361 47.45 30.63 1.87
N ALA D 362 47.90 31.87 1.74
CA ALA D 362 47.95 32.52 0.43
C ALA D 362 49.03 31.89 -0.44
N THR D 363 48.89 32.07 -1.74
CA THR D 363 49.84 31.54 -2.73
C THR D 363 50.93 32.56 -3.05
N LYS D 364 51.60 33.04 -2.01
CA LYS D 364 52.67 34.02 -2.17
C LYS D 364 53.57 33.96 -0.94
N LEU D 365 54.88 33.92 -1.17
CA LEU D 365 55.84 33.82 -0.09
C LEU D 365 56.99 34.80 -0.33
N THR D 366 57.57 35.27 0.78
CA THR D 366 58.72 36.18 0.74
C THR D 366 59.75 35.66 1.73
N VAL D 367 60.73 34.91 1.23
CA VAL D 367 61.77 34.31 2.04
C VAL D 367 63.11 34.90 1.63
N ASN D 368 63.96 35.18 2.62
CA ASN D 368 65.26 35.77 2.36
C ASN D 368 66.22 34.75 1.76
N LEU D 369 67.29 35.27 1.17
CA LEU D 369 68.30 34.44 0.52
C LEU D 369 69.68 34.82 1.03
N THR D 370 70.73 34.16 0.55
CA THR D 370 72.09 34.52 0.90
C THR D 370 72.98 34.21 -0.30
N ASN D 371 74.30 34.16 -0.07
CA ASN D 371 75.28 33.95 -1.14
C ASN D 371 75.63 32.48 -1.32
N ASP D 372 74.72 31.56 -1.02
CA ASP D 372 74.97 30.14 -1.16
C ASP D 372 73.86 29.50 -2.00
N ARG D 373 74.12 28.27 -2.43
CA ARG D 373 73.15 27.55 -3.25
C ARG D 373 71.98 27.07 -2.41
N TYR D 374 70.78 27.15 -3.00
CA TYR D 374 69.55 26.75 -2.33
C TYR D 374 68.81 25.72 -3.18
N LEU D 375 67.71 25.20 -2.62
CA LEU D 375 66.88 24.22 -3.30
C LEU D 375 65.50 24.28 -2.67
N ALA D 376 64.50 24.68 -3.47
CA ALA D 376 63.14 24.90 -2.98
C ALA D 376 62.20 23.86 -3.57
N THR D 377 61.45 23.18 -2.70
CA THR D 377 60.44 22.22 -3.11
C THR D 377 59.12 22.58 -2.44
N LEU D 378 58.03 22.30 -3.14
CA LEU D 378 56.70 22.54 -2.62
C LEU D 378 55.94 21.22 -2.49
N THR D 379 54.87 21.26 -1.71
CA THR D 379 54.02 20.08 -1.52
C THR D 379 52.64 20.55 -1.09
N VAL D 380 51.63 20.28 -1.92
CA VAL D 380 50.27 20.66 -1.60
C VAL D 380 49.64 19.58 -0.72
N ARG D 381 48.89 20.00 0.29
CA ARG D 381 48.27 19.09 1.25
C ARG D 381 46.78 19.00 0.96
N ASN D 382 46.30 17.79 0.72
CA ASN D 382 44.87 17.55 0.53
C ASN D 382 44.24 17.19 1.86
N LEU D 383 42.99 16.71 1.83
CA LEU D 383 42.29 16.37 3.05
C LEU D 383 42.87 15.10 3.70
N VAL D 384 43.47 14.22 2.91
CA VAL D 384 44.02 12.98 3.44
C VAL D 384 45.49 13.14 3.82
N GLY D 385 46.27 13.88 3.04
CA GLY D 385 47.68 14.03 3.35
C GLY D 385 48.39 14.86 2.30
N LYS D 386 49.71 14.68 2.25
CA LYS D 386 50.56 15.44 1.34
C LYS D 386 50.62 14.78 -0.03
N SER D 387 50.80 15.61 -1.05
CA SER D 387 50.92 15.14 -2.43
C SER D 387 52.39 15.04 -2.81
N ASP D 388 52.67 14.80 -4.09
CA ASP D 388 54.03 14.69 -4.57
C ASP D 388 54.69 16.07 -4.65
N ALA D 389 56.01 16.07 -4.57
CA ALA D 389 56.81 17.28 -4.59
C ALA D 389 57.55 17.41 -5.92
N ALA D 390 58.11 18.60 -6.14
CA ALA D 390 58.91 18.90 -7.32
C ALA D 390 60.35 19.20 -6.89
N VAL D 391 61.20 19.50 -7.88
CA VAL D 391 62.60 19.83 -7.63
C VAL D 391 62.95 21.12 -8.36
N LEU D 392 63.85 21.89 -7.77
CA LEU D 392 64.33 23.14 -8.35
C LEU D 392 65.54 23.62 -7.56
N THR D 393 66.57 24.07 -8.28
CA THR D 393 67.76 24.62 -7.68
C THR D 393 67.97 26.06 -8.17
N ILE D 394 68.64 26.86 -7.34
CA ILE D 394 68.89 28.25 -7.68
C ILE D 394 70.34 28.59 -7.35
N PRO D 395 71.28 28.29 -8.26
CA PRO D 395 72.68 28.73 -8.08
C PRO D 395 72.94 30.08 -8.72
N ALA D 396 72.19 31.09 -8.30
CA ALA D 396 72.22 32.42 -8.91
C ALA D 396 73.39 33.27 -8.46
N CYS D 397 74.39 32.69 -7.80
CA CYS D 397 75.55 33.47 -7.35
C CYS D 397 76.34 34.01 -8.53
N ASP D 398 76.96 33.10 -9.31
CA ASP D 398 77.75 33.52 -10.46
C ASP D 398 77.55 32.58 -11.65
N PHE D 399 76.36 32.01 -11.80
CA PHE D 399 76.12 31.01 -12.82
C PHE D 399 76.23 31.61 -14.23
N GLN D 400 76.65 30.77 -15.17
CA GLN D 400 76.79 31.15 -16.56
C GLN D 400 75.51 30.79 -17.33
N ALA D 401 75.45 31.24 -18.59
CA ALA D 401 74.30 30.94 -19.43
C ALA D 401 74.08 29.44 -19.58
N THR D 402 75.17 28.67 -19.59
CA THR D 402 75.12 27.21 -19.69
C THR D 402 74.36 26.77 -20.95
N HIS D 403 74.94 27.11 -22.10
CA HIS D 403 74.44 26.71 -23.41
C HIS D 403 72.99 27.14 -23.61
N PRO D 404 72.72 28.44 -23.77
CA PRO D 404 71.35 28.88 -23.97
C PRO D 404 70.77 28.37 -25.29
N VAL D 405 69.44 28.25 -25.32
CA VAL D 405 68.76 27.72 -26.49
C VAL D 405 68.84 28.72 -27.64
N MET D 406 69.10 28.23 -28.84
CA MET D 406 69.17 29.04 -30.04
C MET D 406 68.07 28.60 -31.01
N ASP D 407 68.02 29.25 -32.17
CA ASP D 407 67.03 28.97 -33.21
C ASP D 407 65.62 29.10 -32.65
N LEU D 408 65.27 30.33 -32.28
CA LEU D 408 63.97 30.66 -31.72
C LEU D 408 63.11 31.31 -32.81
N LYS D 409 62.02 30.65 -33.18
CA LYS D 409 61.10 31.15 -34.18
C LYS D 409 59.68 31.09 -33.63
N ALA D 410 58.87 32.06 -34.04
CA ALA D 410 57.49 32.15 -33.56
C ALA D 410 56.60 32.66 -34.67
N PHE D 411 55.66 31.83 -35.10
CA PHE D 411 54.66 32.20 -36.10
C PHE D 411 53.37 31.47 -35.82
N PRO D 412 52.25 32.17 -35.62
CA PRO D 412 51.01 31.51 -35.21
C PRO D 412 50.47 30.54 -36.25
N LYS D 413 50.21 31.06 -37.45
CA LYS D 413 49.91 30.34 -38.70
C LYS D 413 48.62 29.53 -38.65
N ASP D 414 47.97 29.42 -37.48
CA ASP D 414 46.58 28.96 -37.44
C ASP D 414 45.95 29.40 -36.11
N ASN D 415 45.24 30.54 -36.16
CA ASN D 415 44.27 30.91 -35.14
C ASN D 415 44.84 31.03 -33.73
N MET D 416 46.14 30.79 -33.57
CA MET D 416 46.78 30.87 -32.26
C MET D 416 48.29 30.83 -32.44
N LEU D 417 49.00 31.47 -31.51
CA LEU D 417 50.45 31.52 -31.58
C LEU D 417 51.06 30.13 -31.35
N TRP D 418 52.22 29.92 -31.96
CA TRP D 418 52.95 28.66 -31.84
C TRP D 418 54.44 28.97 -31.72
N VAL D 419 55.14 28.19 -30.89
CA VAL D 419 56.56 28.37 -30.66
C VAL D 419 57.30 27.10 -31.06
N GLU D 420 58.49 27.26 -31.62
CA GLU D 420 59.31 26.13 -32.04
C GLU D 420 60.78 26.48 -31.83
N TRP D 421 61.57 25.47 -31.51
CA TRP D 421 63.00 25.65 -31.30
C TRP D 421 63.71 24.33 -31.62
N THR D 422 65.02 24.31 -31.39
CA THR D 422 65.85 23.15 -31.66
C THR D 422 66.24 22.48 -30.34
N THR D 423 66.77 21.27 -30.47
CA THR D 423 67.20 20.51 -29.30
C THR D 423 68.60 20.94 -28.87
N PRO D 424 68.81 21.24 -27.58
CA PRO D 424 70.16 21.62 -27.13
C PRO D 424 71.16 20.48 -27.21
N ARG D 425 72.39 20.74 -26.77
CA ARG D 425 73.49 19.80 -27.00
C ARG D 425 73.29 18.50 -26.21
N GLU D 426 73.23 18.59 -24.88
CA GLU D 426 73.29 17.38 -24.07
C GLU D 426 71.90 16.78 -23.81
N SER D 427 71.00 17.55 -23.19
CA SER D 427 69.67 17.08 -22.82
C SER D 427 68.93 18.23 -22.14
N VAL D 428 67.64 18.03 -21.93
CA VAL D 428 66.80 18.99 -21.23
C VAL D 428 65.95 18.24 -20.20
N LYS D 429 65.79 18.84 -19.02
CA LYS D 429 64.96 18.27 -17.97
C LYS D 429 63.53 18.80 -18.04
N LYS D 430 63.37 20.12 -17.91
CA LYS D 430 62.06 20.75 -17.95
C LYS D 430 62.08 21.90 -18.94
N TYR D 431 60.89 22.33 -19.35
CA TYR D 431 60.73 23.45 -20.27
C TYR D 431 59.72 24.43 -19.69
N ILE D 432 59.95 25.72 -19.92
CA ILE D 432 59.06 26.77 -19.44
C ILE D 432 59.24 28.01 -20.29
N LEU D 433 58.13 28.66 -20.66
CA LEU D 433 58.17 29.86 -21.48
C LEU D 433 57.14 30.86 -20.94
N GLU D 434 57.48 32.14 -21.07
CA GLU D 434 56.63 33.22 -20.58
C GLU D 434 56.41 34.24 -21.69
N TRP D 435 55.36 35.04 -21.52
CA TRP D 435 55.01 36.06 -22.50
C TRP D 435 54.15 37.12 -21.84
N CYS D 436 54.05 38.27 -22.50
CA CYS D 436 53.19 39.35 -22.05
C CYS D 436 52.90 40.27 -23.22
N VAL D 437 52.04 41.26 -22.98
CA VAL D 437 51.57 42.17 -24.02
C VAL D 437 52.42 43.44 -23.96
N LEU D 438 53.03 43.81 -25.08
CA LEU D 438 53.84 45.01 -25.19
C LEU D 438 53.04 46.10 -25.91
N SER D 439 52.95 47.27 -25.28
CA SER D 439 52.24 48.40 -25.86
C SER D 439 52.91 49.68 -25.36
N ASP D 440 52.23 50.81 -25.54
CA ASP D 440 52.76 52.12 -25.18
C ASP D 440 52.48 52.39 -23.71
N LYS D 441 53.49 52.18 -22.87
CA LYS D 441 53.44 52.46 -21.43
C LYS D 441 52.28 51.70 -20.77
N ALA D 442 52.43 50.38 -20.79
CA ALA D 442 51.48 49.49 -20.13
C ALA D 442 52.21 48.30 -19.51
N PRO D 443 52.17 48.14 -18.19
CA PRO D 443 52.87 47.01 -17.57
C PRO D 443 52.20 45.69 -17.90
N CYS D 444 53.02 44.70 -18.23
CA CYS D 444 52.55 43.37 -18.59
C CYS D 444 52.99 42.37 -17.54
N ILE D 445 52.06 41.52 -17.11
CA ILE D 445 52.37 40.49 -16.13
C ILE D 445 52.98 39.28 -16.82
N THR D 446 53.79 38.53 -16.07
CA THR D 446 54.50 37.38 -16.61
C THR D 446 53.65 36.13 -16.39
N ASP D 447 53.02 35.65 -17.47
CA ASP D 447 52.26 34.42 -17.46
C ASP D 447 53.07 33.33 -18.16
N TRP D 448 53.09 32.14 -17.57
CA TRP D 448 53.90 31.04 -18.06
C TRP D 448 53.16 29.73 -17.86
N GLN D 449 53.80 28.63 -18.28
CA GLN D 449 53.25 27.30 -18.13
C GLN D 449 54.39 26.30 -18.15
N GLN D 450 54.08 25.07 -17.78
CA GLN D 450 55.07 24.00 -17.69
C GLN D 450 54.97 23.07 -18.89
N GLU D 451 56.13 22.64 -19.38
CA GLU D 451 56.21 21.72 -20.52
C GLU D 451 57.29 20.69 -20.25
N ASP D 452 57.15 19.53 -20.88
CA ASP D 452 58.12 18.46 -20.71
C ASP D 452 59.38 18.74 -21.53
N GLY D 453 60.44 18.00 -21.21
CA GLY D 453 61.71 18.18 -21.88
C GLY D 453 61.76 17.57 -23.26
N THR D 454 61.15 16.40 -23.43
CA THR D 454 61.16 15.72 -24.72
C THR D 454 60.34 16.45 -25.78
N VAL D 455 59.44 17.33 -25.38
CA VAL D 455 58.60 18.07 -26.31
C VAL D 455 59.27 19.40 -26.63
N HIS D 456 59.33 19.74 -27.91
CA HIS D 456 59.95 20.98 -28.36
C HIS D 456 58.97 21.96 -29.00
N ARG D 457 57.72 21.55 -29.21
CA ARG D 457 56.71 22.43 -29.77
C ARG D 457 55.41 22.23 -29.02
N THR D 458 54.85 23.32 -28.49
CA THR D 458 53.61 23.25 -27.73
C THR D 458 52.94 24.62 -27.77
N TYR D 459 51.67 24.65 -28.15
CA TYR D 459 50.94 25.91 -28.24
C TYR D 459 50.54 26.39 -26.85
N LEU D 460 50.56 27.71 -26.67
CA LEU D 460 50.19 28.30 -25.39
C LEU D 460 48.68 28.21 -25.17
N ARG D 461 48.29 28.30 -23.90
CA ARG D 461 46.88 28.23 -23.50
C ARG D 461 46.57 29.44 -22.64
N GLY D 462 45.81 30.37 -23.19
CA GLY D 462 45.43 31.57 -22.48
C GLY D 462 44.24 32.24 -23.13
N ASN D 463 44.15 33.55 -22.96
CA ASN D 463 43.08 34.36 -23.53
C ASN D 463 43.66 35.58 -24.25
N LEU D 464 44.71 35.37 -25.03
CA LEU D 464 45.32 36.46 -25.76
C LEU D 464 44.44 36.89 -26.93
N ALA D 465 44.67 38.12 -27.40
CA ALA D 465 43.91 38.71 -28.49
C ALA D 465 44.86 38.99 -29.67
N GLU D 466 44.28 39.52 -30.75
CA GLU D 466 45.02 39.83 -31.95
C GLU D 466 45.39 41.32 -31.97
N SER D 467 46.17 41.70 -32.99
CA SER D 467 46.61 43.08 -33.18
C SER D 467 47.39 43.61 -31.99
N LYS D 468 48.15 42.73 -31.33
CA LYS D 468 48.95 43.10 -30.17
C LYS D 468 50.33 42.48 -30.30
N CYS D 469 51.31 43.12 -29.66
CA CYS D 469 52.69 42.66 -29.68
C CYS D 469 52.96 41.81 -28.46
N TYR D 470 53.26 40.53 -28.67
CA TYR D 470 53.54 39.59 -27.61
C TYR D 470 55.02 39.24 -27.61
N LEU D 471 55.65 39.36 -26.44
CA LEU D 471 57.08 39.06 -26.28
C LEU D 471 57.19 37.69 -25.61
N ILE D 472 57.24 36.65 -26.43
CA ILE D 472 57.34 35.28 -25.92
C ILE D 472 58.80 35.02 -25.53
N THR D 473 59.03 34.73 -24.25
CA THR D 473 60.37 34.47 -23.73
C THR D 473 60.43 33.03 -23.25
N VAL D 474 61.36 32.27 -23.82
CA VAL D 474 61.54 30.85 -23.49
C VAL D 474 62.84 30.72 -22.71
N THR D 475 62.75 30.09 -21.53
CA THR D 475 63.90 29.87 -20.67
C THR D 475 64.08 28.38 -20.42
N PRO D 476 65.26 27.82 -20.66
CA PRO D 476 65.48 26.40 -20.42
C PRO D 476 65.69 26.11 -18.93
N VAL D 477 65.57 24.83 -18.59
CA VAL D 477 65.75 24.35 -17.22
C VAL D 477 66.75 23.20 -17.25
N TYR D 478 67.85 23.33 -16.51
CA TYR D 478 68.87 22.31 -16.40
C TYR D 478 68.97 21.82 -14.96
N ALA D 479 69.94 20.95 -14.71
CA ALA D 479 70.12 20.39 -13.37
C ALA D 479 70.85 21.34 -12.44
N ASP D 480 71.62 22.29 -12.98
CA ASP D 480 72.39 23.23 -12.18
C ASP D 480 72.03 24.67 -12.52
N GLY D 481 70.73 24.94 -12.62
CA GLY D 481 70.24 26.27 -12.90
C GLY D 481 69.70 26.42 -14.31
N PRO D 482 69.01 27.52 -14.57
CA PRO D 482 68.44 27.76 -15.90
C PRO D 482 69.41 28.52 -16.79
N GLY D 483 69.00 28.66 -18.06
CA GLY D 483 69.78 29.37 -19.04
C GLY D 483 69.32 30.80 -19.23
N SER D 484 70.01 31.50 -20.12
CA SER D 484 69.68 32.88 -20.40
C SER D 484 68.37 32.96 -21.19
N PRO D 485 67.52 33.96 -20.92
CA PRO D 485 66.24 34.04 -21.63
C PRO D 485 66.43 34.47 -23.07
N GLU D 486 65.49 34.05 -23.92
CA GLU D 486 65.46 34.40 -25.33
C GLU D 486 64.06 34.86 -25.69
N SER D 487 63.95 36.10 -26.16
CA SER D 487 62.67 36.70 -26.48
C SER D 487 62.51 36.88 -27.98
N ILE D 488 61.26 36.89 -28.43
CA ILE D 488 60.93 37.07 -29.84
C ILE D 488 59.52 37.63 -29.93
N LYS D 489 59.30 38.51 -30.91
CA LYS D 489 58.01 39.14 -31.12
C LYS D 489 57.29 38.48 -32.29
N ALA D 490 55.97 38.31 -32.14
CA ALA D 490 55.17 37.69 -33.18
C ALA D 490 53.71 38.07 -32.96
N TYR D 491 53.04 38.50 -34.02
CA TYR D 491 51.64 38.88 -33.94
C TYR D 491 50.75 37.64 -34.05
N LEU D 492 49.43 37.86 -34.06
CA LEU D 492 48.46 36.79 -34.19
C LEU D 492 47.73 36.81 -35.54
N LYS D 493 47.19 37.96 -35.94
CA LYS D 493 46.48 38.07 -37.20
C LYS D 493 46.53 39.50 -37.73
#